data_3A7Q
#
_entry.id   3A7Q
#
_cell.length_a   56.980
_cell.length_b   93.844
_cell.length_c   73.456
_cell.angle_alpha   90.00
_cell.angle_beta   107.41
_cell.angle_gamma   90.00
#
_symmetry.space_group_name_H-M   'P 1 21 1'
#
loop_
_entity.id
_entity.type
_entity.pdbx_description
1 polymer Reelin
2 polymer 'Low-density lipoprotein receptor-related protein 8'
3 branched 2-acetamido-2-deoxy-beta-D-glucopyranose-(1-4)-2-acetamido-2-deoxy-beta-D-glucopyranose
4 non-polymer 2-acetamido-2-deoxy-beta-D-glucopyranose
5 non-polymer 'CALCIUM ION'
6 non-polymer 'ZINC ION'
7 water water
#
loop_
_entity_poly.entity_id
_entity_poly.type
_entity_poly.pdbx_seq_one_letter_code
_entity_poly.pdbx_strand_id
1 'polypeptide(L)'
;GRDGNNLNNPVLLLDTFDFGPREDNWFFYPGGNIGLYCPYSSKGAPEEDSAMVFVSNEVGEHSITTRDLSVNENTIIQFE
INVGCSTDSSSADPVRLEFSRDFGATWHLLLPLCYHSSSLVSSLCSTEHHPSSTYYAGTTQGWRREVVHFGKLHLAGSVR
FRWYQGFYPAGSQPVTWAIDNVYIGPQCEEMCYGHGSCINGTKCICDPGYSGPTCKISTKNPDFLKDDFEGQLESDRFLL
MSGGKPSRKCGILSSGNNLFFNEDGLRMLVTRDLDLSHARFVQFFMRLGCGKGVPDPRSQPVLLQYSLNGGLSWSLLQEF
LFSNSSNVGRYIALEMPLKARSGSTRLRWWQPSENGHFYSPWVIDQILIGGNISGNTVLEDDFSTLDSRKWLLHPGGTKM
PVCGSTGDALVFIEKASTRYVVTTDIAVNEDSFLQIDFAASCSVTDSCYAIELEYSVDLGLSWHPLVRDCLPTNVECSRY
HLQRILVSDTFNKWTRITLPLPSYTRSQATRFRWHQPAPFDKQQTWAIDNVYIGDGCLDMCSGHGRCVQGSCVCDEQWGG
LYCDEPETSLPTQLKDNFNRAPSNQNWLTVSGGKLSTVCGAVASGLALHFSGGCSRLLVTVDLNLTNAEFIQFYFMYGCL
ITPSNRNQGVLLEYSVNGGITWNLLMEIFYDQYSKPGFVNILLPPDAKEIATRFRWWQPRHDGLDQNDWAIDNVLISRLE
NLYFQ
;
A
2 'polypeptide(L)' GSGPAKECEKDQFQCRNERCIPSVWRCDEDDDCLDHSDEDDCPK B
#
# COMPACT_ATOMS: atom_id res chain seq x y z
N ASN A 8 -46.85 -15.64 -23.93
CA ASN A 8 -47.73 -15.54 -22.73
C ASN A 8 -47.32 -14.47 -21.74
N ASN A 9 -46.30 -13.70 -22.09
CA ASN A 9 -45.76 -12.70 -21.19
C ASN A 9 -45.94 -11.29 -21.73
N PRO A 10 -47.14 -10.71 -21.60
CA PRO A 10 -47.32 -9.34 -22.07
C PRO A 10 -46.45 -8.33 -21.33
N VAL A 11 -46.00 -7.31 -22.05
CA VAL A 11 -45.53 -6.05 -21.45
C VAL A 11 -46.70 -5.49 -20.63
N LEU A 12 -46.43 -5.10 -19.39
CA LEU A 12 -47.50 -4.82 -18.46
C LEU A 12 -47.69 -3.32 -18.23
N LEU A 13 -46.54 -2.62 -18.14
CA LEU A 13 -46.48 -1.17 -18.01
C LEU A 13 -45.18 -0.65 -18.63
N LEU A 14 -45.29 0.40 -19.44
CA LEU A 14 -44.15 1.10 -20.01
C LEU A 14 -44.47 2.59 -19.95
N ASP A 15 -43.60 3.39 -19.33
CA ASP A 15 -43.79 4.85 -19.32
C ASP A 15 -42.50 5.65 -19.32
N THR A 16 -42.25 6.34 -20.42
CA THR A 16 -41.09 7.21 -20.59
C THR A 16 -41.39 8.64 -20.15
N PHE A 17 -42.62 8.89 -19.71
CA PHE A 17 -43.15 10.21 -19.34
C PHE A 17 -42.79 11.32 -20.31
N ASP A 18 -42.53 10.98 -21.56
CA ASP A 18 -41.79 11.89 -22.38
C ASP A 18 -42.58 13.00 -23.10
N PHE A 19 -43.91 13.02 -22.92
CA PHE A 19 -44.70 14.25 -23.03
C PHE A 19 -45.99 14.17 -22.22
N GLY A 20 -45.85 13.89 -20.93
CA GLY A 20 -46.98 13.53 -20.09
C GLY A 20 -46.96 12.02 -19.89
N PRO A 21 -47.54 11.52 -18.78
CA PRO A 21 -47.59 10.07 -18.60
C PRO A 21 -48.72 9.45 -19.42
N ARG A 22 -48.72 8.13 -19.53
CA ARG A 22 -49.81 7.40 -20.16
C ARG A 22 -50.83 7.09 -19.07
N GLU A 23 -52.04 7.65 -19.20
CA GLU A 23 -53.05 7.64 -18.12
C GLU A 23 -53.37 6.25 -17.58
N ASP A 24 -53.46 5.26 -18.48
CA ASP A 24 -53.87 3.91 -18.11
C ASP A 24 -52.85 3.14 -17.27
N ASN A 25 -51.60 3.59 -17.27
CA ASN A 25 -50.59 2.99 -16.43
C ASN A 25 -50.93 3.18 -14.95
N TRP A 26 -51.39 4.38 -14.61
CA TRP A 26 -51.41 4.83 -13.23
C TRP A 26 -52.79 5.03 -12.65
N PHE A 27 -52.93 4.70 -11.36
CA PHE A 27 -54.14 5.04 -10.63
C PHE A 27 -54.02 6.37 -9.92
N PHE A 28 -52.86 6.64 -9.33
CA PHE A 28 -52.63 7.87 -8.58
C PHE A 28 -51.19 8.32 -8.76
N TYR A 29 -50.98 9.63 -8.83
CA TYR A 29 -49.67 10.21 -8.64
C TYR A 29 -49.71 11.51 -7.85
N PRO A 30 -50.19 11.45 -6.61
CA PRO A 30 -50.27 12.73 -5.90
C PRO A 30 -48.88 13.34 -5.69
N GLY A 31 -48.76 14.63 -5.96
CA GLY A 31 -47.49 15.31 -5.77
C GLY A 31 -46.58 15.27 -6.98
N GLY A 32 -47.03 14.60 -8.04
CA GLY A 32 -46.20 14.41 -9.23
C GLY A 32 -46.42 15.47 -10.29
N ASN A 33 -45.36 15.74 -11.03
CA ASN A 33 -45.41 16.64 -12.18
C ASN A 33 -44.47 16.12 -13.24
N ILE A 34 -44.65 16.57 -14.46
CA ILE A 34 -43.77 16.22 -15.54
C ILE A 34 -42.77 17.35 -15.66
N GLY A 35 -41.49 16.97 -15.70
CA GLY A 35 -40.43 17.94 -15.97
C GLY A 35 -39.04 17.36 -15.87
N LEU A 36 -38.08 18.25 -15.61
CA LEU A 36 -36.69 17.90 -15.52
C LEU A 36 -36.24 18.02 -14.05
N TYR A 37 -35.72 16.93 -13.51
CA TYR A 37 -35.05 16.98 -12.22
C TYR A 37 -33.63 16.44 -12.34
N CYS A 38 -32.67 17.18 -11.79
CA CYS A 38 -31.29 16.73 -11.68
C CYS A 38 -30.77 16.28 -13.05
N PRO A 39 -30.62 17.23 -14.01
CA PRO A 39 -30.25 16.86 -15.39
C PRO A 39 -28.86 16.22 -15.49
N TYR A 40 -28.67 15.12 -14.76
CA TYR A 40 -27.40 14.43 -14.67
C TYR A 40 -27.65 12.98 -14.25
N SER A 41 -26.71 12.09 -14.58
CA SER A 41 -26.66 10.78 -13.93
C SER A 41 -25.27 10.49 -13.36
N ASP A 49 -35.27 12.94 -20.84
CA ASP A 49 -35.43 14.36 -20.47
C ASP A 49 -36.64 14.59 -19.56
N SER A 50 -37.83 14.17 -19.98
CA SER A 50 -39.02 14.31 -19.13
C SER A 50 -39.06 13.18 -18.11
N ALA A 51 -39.32 13.54 -16.86
CA ALA A 51 -39.56 12.54 -15.82
C ALA A 51 -40.73 12.96 -14.95
N MET A 52 -41.15 12.03 -14.11
CA MET A 52 -42.18 12.27 -13.12
C MET A 52 -41.50 12.70 -11.83
N VAL A 53 -41.54 14.00 -11.59
CA VAL A 53 -40.87 14.62 -10.47
C VAL A 53 -41.85 14.90 -9.32
N PHE A 54 -41.39 14.61 -8.10
CA PHE A 54 -42.12 14.90 -6.88
C PHE A 54 -41.42 15.96 -6.05
N VAL A 55 -41.85 17.20 -6.21
CA VAL A 55 -41.15 18.37 -5.66
C VAL A 55 -41.44 18.60 -4.19
N SER A 56 -40.41 18.97 -3.41
CA SER A 56 -40.57 19.25 -1.98
C SER A 56 -41.86 19.97 -1.63
N ASN A 57 -42.06 21.15 -2.22
CA ASN A 57 -43.12 22.07 -1.81
C ASN A 57 -44.53 21.50 -1.88
N GLU A 58 -44.74 20.51 -2.74
CA GLU A 58 -46.09 19.99 -2.99
C GLU A 58 -46.72 19.35 -1.75
N VAL A 59 -47.91 19.84 -1.38
CA VAL A 59 -48.64 19.43 -0.18
C VAL A 59 -49.37 18.09 -0.37
N GLY A 60 -49.42 17.28 0.68
CA GLY A 60 -50.15 16.02 0.64
C GLY A 60 -49.24 14.85 0.32
N GLU A 61 -49.85 13.75 -0.14
CA GLU A 61 -49.10 12.54 -0.46
C GLU A 61 -48.14 12.74 -1.63
N HIS A 62 -46.91 12.26 -1.45
CA HIS A 62 -45.94 12.16 -2.53
C HIS A 62 -45.79 10.71 -2.88
N SER A 63 -46.43 10.27 -3.96
CA SER A 63 -46.30 8.90 -4.44
C SER A 63 -46.89 8.73 -5.82
N ILE A 64 -46.71 7.54 -6.38
CA ILE A 64 -47.30 7.20 -7.67
C ILE A 64 -47.67 5.71 -7.64
N THR A 65 -48.91 5.41 -8.03
CA THR A 65 -49.42 4.03 -8.00
C THR A 65 -49.87 3.55 -9.37
N THR A 66 -49.41 2.36 -9.75
CA THR A 66 -49.84 1.67 -10.97
C THR A 66 -51.27 1.18 -10.83
N ARG A 67 -51.88 0.77 -11.95
CA ARG A 67 -53.12 0.00 -11.95
C ARG A 67 -52.82 -1.44 -11.51
N ASP A 68 -53.86 -2.27 -11.39
CA ASP A 68 -53.70 -3.70 -11.10
C ASP A 68 -53.18 -4.51 -12.30
N LEU A 69 -52.22 -5.39 -12.03
CA LEU A 69 -51.49 -6.07 -13.07
C LEU A 69 -51.40 -7.56 -12.82
N SER A 70 -51.56 -8.35 -13.89
CA SER A 70 -51.32 -9.80 -13.84
C SER A 70 -49.85 -10.13 -14.03
N VAL A 71 -49.16 -10.34 -12.90
CA VAL A 71 -47.74 -10.59 -12.93
C VAL A 71 -47.51 -12.08 -12.76
N ASN A 72 -46.38 -12.56 -13.29
CA ASN A 72 -46.07 -13.99 -13.24
C ASN A 72 -44.62 -14.27 -12.84
N GLU A 73 -44.24 -15.55 -12.94
CA GLU A 73 -42.88 -16.04 -12.69
C GLU A 73 -41.76 -15.17 -13.30
N ASN A 74 -42.03 -14.57 -14.47
CA ASN A 74 -40.99 -13.92 -15.27
C ASN A 74 -40.96 -12.41 -15.14
N THR A 75 -41.79 -11.86 -14.25
CA THR A 75 -42.00 -10.42 -14.20
C THR A 75 -40.97 -9.66 -13.40
N ILE A 76 -40.41 -8.64 -14.03
CA ILE A 76 -39.51 -7.72 -13.37
C ILE A 76 -40.12 -6.31 -13.34
N ILE A 77 -39.64 -5.50 -12.41
CA ILE A 77 -39.91 -4.07 -12.41
C ILE A 77 -38.56 -3.37 -12.67
N GLN A 78 -38.55 -2.48 -13.63
CA GLN A 78 -37.33 -1.78 -14.03
C GLN A 78 -37.64 -0.30 -14.20
N PHE A 79 -36.77 0.56 -13.70
CA PHE A 79 -37.03 2.00 -13.74
C PHE A 79 -35.76 2.78 -13.47
N GLU A 80 -35.81 4.07 -13.77
CA GLU A 80 -34.76 5.00 -13.37
C GLU A 80 -35.27 5.87 -12.22
N ILE A 81 -34.37 6.30 -11.36
CA ILE A 81 -34.75 7.08 -10.20
C ILE A 81 -33.61 7.98 -9.77
N ASN A 82 -33.99 9.09 -9.15
CA ASN A 82 -33.03 10.00 -8.51
C ASN A 82 -33.66 10.54 -7.25
N VAL A 83 -33.02 10.33 -6.12
CA VAL A 83 -33.53 10.90 -4.90
C VAL A 83 -32.56 11.90 -4.31
N GLY A 84 -32.94 13.17 -4.39
CA GLY A 84 -32.26 14.23 -3.66
C GLY A 84 -31.19 15.00 -4.40
N CYS A 85 -30.74 14.43 -5.53
CA CYS A 85 -29.70 15.08 -6.35
C CYS A 85 -28.53 15.61 -5.52
N SER A 86 -28.08 14.84 -4.52
CA SER A 86 -27.08 15.35 -3.57
C SER A 86 -26.11 14.28 -3.05
N THR A 87 -25.22 14.74 -2.17
CA THR A 87 -24.26 13.88 -1.46
C THR A 87 -24.66 13.80 0.03
N ASP A 88 -25.84 14.33 0.33
CA ASP A 88 -26.37 14.35 1.68
C ASP A 88 -27.12 13.07 1.95
N SER A 89 -26.47 12.12 2.64
CA SER A 89 -27.14 10.89 3.06
C SER A 89 -28.06 11.15 4.23
N SER A 90 -29.32 10.77 4.06
CA SER A 90 -30.32 10.88 5.10
C SER A 90 -31.24 9.66 5.11
N SER A 91 -31.79 9.36 6.28
CA SER A 91 -32.72 8.24 6.45
C SER A 91 -34.17 8.72 6.37
N ALA A 92 -34.36 9.96 5.94
CA ALA A 92 -35.69 10.58 5.99
C ALA A 92 -36.33 10.73 4.61
N ASP A 93 -37.59 10.33 4.54
CA ASP A 93 -38.39 10.46 3.32
C ASP A 93 -37.73 9.68 2.17
N PRO A 94 -37.35 8.42 2.45
CA PRO A 94 -36.81 7.63 1.34
C PRO A 94 -37.97 7.23 0.45
N VAL A 95 -37.67 6.73 -0.73
CA VAL A 95 -38.73 6.29 -1.63
C VAL A 95 -38.80 4.76 -1.53
N ARG A 96 -39.97 4.25 -1.16
CA ARG A 96 -40.16 2.82 -1.01
C ARG A 96 -40.92 2.29 -2.22
N LEU A 97 -40.39 1.23 -2.83
CA LEU A 97 -41.10 0.47 -3.86
C LEU A 97 -41.84 -0.68 -3.20
N GLU A 98 -43.15 -0.66 -3.39
CA GLU A 98 -44.03 -1.54 -2.61
C GLU A 98 -45.06 -2.18 -3.51
N PHE A 99 -45.69 -3.23 -3.03
CA PHE A 99 -46.75 -3.86 -3.81
C PHE A 99 -48.01 -4.13 -3.00
N SER A 100 -49.12 -4.37 -3.67
CA SER A 100 -50.36 -4.72 -2.98
C SER A 100 -51.14 -5.81 -3.69
N ARG A 101 -51.48 -6.85 -2.95
CA ARG A 101 -52.34 -7.92 -3.45
C ARG A 101 -53.79 -7.71 -3.02
N ASP A 102 -54.10 -6.54 -2.45
CA ASP A 102 -55.44 -6.29 -1.93
C ASP A 102 -56.00 -4.94 -2.33
N PHE A 103 -55.53 -4.44 -3.48
CA PHE A 103 -56.07 -3.23 -4.09
C PHE A 103 -55.78 -2.01 -3.24
N GLY A 104 -54.54 -1.90 -2.80
CA GLY A 104 -54.09 -0.79 -1.97
C GLY A 104 -54.56 -0.81 -0.53
N ALA A 105 -55.11 -1.93 -0.05
CA ALA A 105 -55.58 -1.95 1.33
C ALA A 105 -54.38 -1.87 2.28
N THR A 106 -53.35 -2.65 1.99
CA THR A 106 -52.10 -2.60 2.73
C THR A 106 -50.94 -2.73 1.73
N TRP A 107 -49.74 -2.37 2.16
CA TRP A 107 -48.60 -2.33 1.27
C TRP A 107 -47.35 -2.97 1.87
N HIS A 108 -46.49 -3.50 0.99
CA HIS A 108 -45.31 -4.25 1.39
C HIS A 108 -44.12 -3.92 0.50
N LEU A 109 -42.93 -3.92 1.09
CA LEU A 109 -41.69 -3.80 0.33
C LEU A 109 -41.59 -4.91 -0.70
N LEU A 110 -41.42 -4.51 -1.96
CA LEU A 110 -41.26 -5.44 -3.07
C LEU A 110 -40.00 -6.30 -2.89
N LEU A 111 -38.91 -5.66 -2.47
CA LEU A 111 -37.69 -6.35 -2.14
C LEU A 111 -37.42 -6.13 -0.65
N PRO A 112 -37.74 -7.13 0.20
CA PRO A 112 -37.39 -7.06 1.62
C PRO A 112 -35.89 -6.87 1.87
N LEU A 113 -35.52 -6.76 3.14
CA LEU A 113 -34.12 -6.71 3.54
C LEU A 113 -33.76 -8.08 4.12
N CYS A 114 -32.51 -8.52 3.92
CA CYS A 114 -32.08 -9.85 4.37
C CYS A 114 -31.10 -9.83 5.55
N HIS A 129 -28.04 -11.99 1.03
CA HIS A 129 -27.96 -10.71 1.71
C HIS A 129 -28.15 -9.56 0.71
N HIS A 130 -29.17 -8.72 0.94
CA HIS A 130 -29.37 -7.53 0.11
C HIS A 130 -30.31 -6.50 0.74
N PRO A 131 -30.00 -5.20 0.54
CA PRO A 131 -30.84 -4.11 1.03
C PRO A 131 -32.26 -4.20 0.50
N SER A 132 -33.20 -3.59 1.23
CA SER A 132 -34.60 -3.58 0.83
C SER A 132 -34.83 -2.63 -0.34
N SER A 133 -36.02 -2.71 -0.93
CA SER A 133 -36.41 -1.87 -2.07
C SER A 133 -36.75 -0.44 -1.66
N THR A 134 -35.83 0.15 -0.90
CA THR A 134 -35.98 1.48 -0.33
C THR A 134 -34.88 2.34 -0.92
N TYR A 135 -35.22 3.54 -1.35
CA TYR A 135 -34.27 4.35 -2.09
C TYR A 135 -34.02 5.64 -1.35
N TYR A 136 -32.86 5.69 -0.68
CA TYR A 136 -32.50 6.79 0.19
C TYR A 136 -31.88 7.98 -0.57
N ALA A 137 -31.93 9.15 0.06
CA ALA A 137 -31.29 10.36 -0.47
C ALA A 137 -29.78 10.34 -0.23
N GLY A 138 -29.03 10.79 -1.22
CA GLY A 138 -27.58 10.94 -1.09
C GLY A 138 -26.77 9.79 -1.66
N THR A 139 -27.45 8.65 -1.87
CA THR A 139 -26.82 7.44 -2.37
C THR A 139 -25.97 7.68 -3.62
N THR A 140 -26.58 8.27 -4.66
CA THR A 140 -25.82 8.83 -5.79
C THR A 140 -26.41 10.19 -6.18
N GLN A 141 -25.54 11.17 -6.46
CA GLN A 141 -26.01 12.46 -6.96
C GLN A 141 -26.89 12.21 -8.18
N GLY A 142 -26.35 11.47 -9.15
CA GLY A 142 -27.04 11.21 -10.39
C GLY A 142 -28.12 10.15 -10.36
N TRP A 143 -28.87 10.11 -11.45
CA TRP A 143 -29.85 9.08 -11.73
C TRP A 143 -29.21 7.70 -11.79
N ARG A 144 -29.98 6.70 -11.39
CA ARG A 144 -29.55 5.31 -11.53
C ARG A 144 -30.68 4.38 -11.96
N ARG A 145 -30.32 3.39 -12.77
CA ARG A 145 -31.26 2.34 -13.13
C ARG A 145 -31.39 1.32 -11.97
N GLU A 146 -32.61 0.88 -11.72
CA GLU A 146 -32.87 -0.18 -10.73
C GLU A 146 -33.79 -1.24 -11.29
N VAL A 147 -33.60 -2.47 -10.85
CA VAL A 147 -34.46 -3.56 -11.25
C VAL A 147 -34.68 -4.54 -10.12
N VAL A 148 -35.95 -4.92 -9.93
CA VAL A 148 -36.34 -5.95 -9.01
C VAL A 148 -37.05 -7.02 -9.81
N HIS A 149 -36.70 -8.29 -9.57
CA HIS A 149 -37.38 -9.41 -10.22
C HIS A 149 -38.49 -9.96 -9.32
N PHE A 150 -39.69 -9.42 -9.51
CA PHE A 150 -40.87 -9.80 -8.75
C PHE A 150 -41.14 -11.30 -8.73
N GLY A 151 -41.19 -11.92 -9.91
CA GLY A 151 -41.56 -13.34 -10.03
C GLY A 151 -40.63 -14.36 -9.39
N LYS A 152 -39.40 -13.95 -9.12
CA LYS A 152 -38.43 -14.81 -8.46
C LYS A 152 -38.68 -14.79 -6.96
N LEU A 153 -39.15 -13.63 -6.48
CA LEU A 153 -39.40 -13.42 -5.05
C LEU A 153 -40.83 -13.75 -4.69
N HIS A 154 -41.77 -13.30 -5.52
CA HIS A 154 -43.18 -13.40 -5.18
C HIS A 154 -43.99 -14.22 -6.19
N LEU A 155 -45.08 -14.84 -5.71
CA LEU A 155 -46.04 -15.58 -6.54
C LEU A 155 -46.75 -14.71 -7.60
N ALA A 156 -47.26 -15.37 -8.64
CA ALA A 156 -48.10 -14.71 -9.64
C ALA A 156 -49.46 -14.32 -9.05
N GLY A 157 -50.15 -13.42 -9.73
CA GLY A 157 -51.47 -12.96 -9.30
C GLY A 157 -51.71 -11.53 -9.69
N SER A 158 -52.85 -11.00 -9.27
CA SER A 158 -53.23 -9.62 -9.54
C SER A 158 -52.57 -8.72 -8.50
N VAL A 159 -51.72 -7.80 -8.97
CA VAL A 159 -50.88 -7.01 -8.07
C VAL A 159 -50.82 -5.52 -8.41
N ARG A 160 -50.68 -4.72 -7.36
CA ARG A 160 -50.53 -3.28 -7.46
C ARG A 160 -49.11 -2.81 -7.04
N PHE A 161 -48.55 -1.84 -7.75
CA PHE A 161 -47.24 -1.30 -7.38
C PHE A 161 -47.29 0.19 -7.13
N ARG A 162 -46.36 0.69 -6.31
CA ARG A 162 -46.19 2.13 -6.12
C ARG A 162 -44.78 2.47 -5.67
N TRP A 163 -44.46 3.75 -5.84
CA TRP A 163 -43.24 4.36 -5.35
C TRP A 163 -43.72 5.40 -4.34
N TYR A 164 -43.55 5.10 -3.07
CA TYR A 164 -44.08 5.90 -1.99
C TYR A 164 -42.98 6.56 -1.13
N GLN A 165 -43.14 7.86 -0.88
CA GLN A 165 -42.28 8.63 0.04
C GLN A 165 -43.01 8.88 1.35
N GLY A 166 -44.14 9.56 1.25
CA GLY A 166 -44.99 9.82 2.39
C GLY A 166 -46.06 10.86 2.15
N PHE A 167 -46.66 11.31 3.24
CA PHE A 167 -47.73 12.31 3.27
C PHE A 167 -47.28 13.59 4.01
N TYR A 168 -47.35 14.73 3.33
CA TYR A 168 -46.71 15.98 3.80
C TYR A 168 -47.59 17.19 4.04
N PRO A 169 -47.78 17.57 5.32
CA PRO A 169 -48.51 18.80 5.63
C PRO A 169 -47.83 20.01 4.98
N ALA A 170 -48.60 21.06 4.73
CA ALA A 170 -48.06 22.30 4.16
C ALA A 170 -46.93 22.83 5.02
N GLY A 171 -45.86 23.27 4.38
CA GLY A 171 -44.64 23.66 5.07
C GLY A 171 -43.52 22.63 5.04
N SER A 172 -43.86 21.35 5.09
CA SER A 172 -42.87 20.26 5.01
C SER A 172 -41.90 20.45 3.85
N GLN A 173 -40.66 20.04 4.06
CA GLN A 173 -39.67 20.07 2.99
C GLN A 173 -38.90 18.77 2.88
N PRO A 174 -39.59 17.70 2.46
CA PRO A 174 -38.92 16.41 2.23
C PRO A 174 -38.07 16.49 0.98
N VAL A 175 -37.08 15.62 0.88
CA VAL A 175 -36.20 15.60 -0.27
C VAL A 175 -37.02 15.45 -1.56
N THR A 176 -36.63 16.20 -2.60
CA THR A 176 -37.22 16.03 -3.91
C THR A 176 -36.79 14.69 -4.50
N TRP A 177 -37.69 14.08 -5.27
CA TRP A 177 -37.33 12.88 -6.02
C TRP A 177 -38.07 12.75 -7.36
N ALA A 178 -37.63 11.80 -8.18
CA ALA A 178 -38.23 11.54 -9.49
C ALA A 178 -38.01 10.10 -9.94
N ILE A 179 -39.03 9.51 -10.62
CA ILE A 179 -38.80 8.33 -11.46
C ILE A 179 -38.89 8.59 -12.98
N ASP A 180 -38.25 7.74 -13.76
CA ASP A 180 -38.35 7.78 -15.20
C ASP A 180 -38.30 6.37 -15.76
N ASN A 181 -38.72 6.20 -17.02
CA ASN A 181 -38.54 4.96 -17.79
C ASN A 181 -38.92 3.69 -17.06
N VAL A 182 -40.21 3.56 -16.78
CA VAL A 182 -40.69 2.45 -15.95
C VAL A 182 -41.19 1.29 -16.81
N TYR A 183 -40.59 0.12 -16.60
CA TYR A 183 -41.01 -1.11 -17.28
C TYR A 183 -41.41 -2.21 -16.29
N ILE A 184 -42.63 -2.70 -16.45
CA ILE A 184 -43.08 -3.90 -15.76
C ILE A 184 -43.47 -4.90 -16.83
N GLY A 185 -42.79 -6.04 -16.84
CA GLY A 185 -43.05 -7.11 -17.79
C GLY A 185 -42.03 -8.23 -17.67
N PRO A 186 -41.98 -9.14 -18.67
CA PRO A 186 -41.00 -10.23 -18.73
C PRO A 186 -39.53 -9.81 -18.69
N GLN A 187 -38.76 -10.47 -17.83
CA GLN A 187 -37.30 -10.30 -17.81
C GLN A 187 -36.70 -10.67 -19.17
N CYS A 188 -35.63 -9.98 -19.55
CA CYS A 188 -34.83 -10.39 -20.70
C CYS A 188 -34.01 -11.64 -20.34
N GLU A 189 -33.23 -12.15 -21.29
CA GLU A 189 -32.41 -13.33 -21.05
C GLU A 189 -31.21 -13.01 -20.16
N GLU A 190 -30.93 -13.89 -19.20
CA GLU A 190 -29.81 -13.72 -18.26
C GLU A 190 -29.85 -12.36 -17.57
N MET A 191 -31.00 -11.71 -17.65
CA MET A 191 -31.22 -10.38 -17.07
C MET A 191 -30.34 -9.28 -17.68
N CYS A 192 -29.81 -9.53 -18.88
CA CYS A 192 -28.82 -8.64 -19.53
C CYS A 192 -27.49 -8.58 -18.76
N TYR A 193 -27.21 -9.63 -17.98
CA TYR A 193 -26.03 -9.74 -17.09
C TYR A 193 -25.82 -8.56 -16.12
N GLY A 194 -26.86 -7.76 -15.93
CA GLY A 194 -26.77 -6.58 -15.08
C GLY A 194 -26.22 -5.35 -15.77
N HIS A 195 -25.81 -5.49 -17.01
CA HIS A 195 -25.14 -4.40 -17.71
C HIS A 195 -25.94 -3.87 -18.90
N GLY A 196 -27.23 -3.69 -18.70
CA GLY A 196 -28.10 -3.20 -19.74
C GLY A 196 -29.53 -3.07 -19.28
N SER A 197 -30.32 -2.28 -20.01
CA SER A 197 -31.75 -2.16 -19.78
C SER A 197 -32.52 -3.15 -20.66
N CYS A 198 -33.62 -3.67 -20.12
CA CYS A 198 -34.42 -4.67 -20.80
C CYS A 198 -35.62 -4.03 -21.49
N ILE A 199 -35.71 -4.20 -22.78
CA ILE A 199 -36.87 -3.77 -23.55
C ILE A 199 -37.76 -4.98 -23.76
N ASN A 200 -38.96 -4.95 -23.18
CA ASN A 200 -40.02 -5.93 -23.47
C ASN A 200 -39.68 -7.43 -23.26
N GLY A 201 -38.49 -7.72 -22.72
CA GLY A 201 -38.10 -9.11 -22.45
C GLY A 201 -37.47 -9.85 -23.61
N THR A 202 -37.12 -9.11 -24.66
CA THR A 202 -36.59 -9.70 -25.89
C THR A 202 -35.25 -9.10 -26.29
N LYS A 203 -35.08 -7.81 -26.03
CA LYS A 203 -33.87 -7.07 -26.44
C LYS A 203 -33.25 -6.32 -25.26
N CYS A 204 -31.92 -6.32 -25.17
CA CYS A 204 -31.18 -5.60 -24.13
C CYS A 204 -30.47 -4.39 -24.73
N ILE A 205 -30.50 -3.26 -24.00
CA ILE A 205 -29.64 -2.12 -24.33
C ILE A 205 -28.47 -2.08 -23.37
N CYS A 206 -27.34 -2.64 -23.82
CA CYS A 206 -26.12 -2.75 -23.04
C CYS A 206 -25.53 -1.39 -22.68
N ASP A 207 -25.18 -1.24 -21.40
CA ASP A 207 -24.39 -0.11 -20.92
C ASP A 207 -23.08 0.00 -21.70
N PRO A 208 -22.57 1.24 -21.87
CA PRO A 208 -21.31 1.51 -22.59
C PRO A 208 -20.13 0.63 -22.16
N GLY A 209 -19.56 -0.10 -23.10
CA GLY A 209 -18.50 -1.06 -22.80
C GLY A 209 -18.96 -2.50 -22.85
N TYR A 210 -20.28 -2.71 -22.80
CA TYR A 210 -20.85 -4.05 -22.85
C TYR A 210 -21.52 -4.27 -24.19
N SER A 211 -21.44 -5.50 -24.67
CA SER A 211 -21.99 -5.88 -25.97
C SER A 211 -22.52 -7.32 -25.91
N GLY A 212 -22.90 -7.86 -27.07
CA GLY A 212 -23.56 -9.17 -27.11
C GLY A 212 -25.03 -9.01 -26.77
N PRO A 213 -25.91 -9.79 -27.43
CA PRO A 213 -27.36 -9.64 -27.27
C PRO A 213 -27.89 -9.87 -25.86
N THR A 214 -26.99 -10.14 -24.91
CA THR A 214 -27.35 -10.38 -23.52
C THR A 214 -26.45 -9.57 -22.57
N CYS A 215 -25.61 -8.72 -23.14
CA CYS A 215 -24.66 -7.88 -22.39
C CYS A 215 -23.57 -8.65 -21.65
N LYS A 216 -23.33 -9.88 -22.09
CA LYS A 216 -22.34 -10.76 -21.45
C LYS A 216 -20.88 -10.32 -21.66
N ILE A 217 -20.50 -9.96 -22.88
CA ILE A 217 -19.10 -9.60 -23.14
C ILE A 217 -18.70 -8.26 -22.52
N SER A 218 -17.56 -8.29 -21.84
CA SER A 218 -17.06 -7.16 -21.08
C SER A 218 -15.79 -6.61 -21.72
N THR A 219 -15.74 -5.30 -21.89
CA THR A 219 -14.51 -4.66 -22.35
C THR A 219 -13.47 -4.66 -21.22
N LYS A 220 -12.19 -4.70 -21.58
CA LYS A 220 -11.12 -4.87 -20.58
C LYS A 220 -11.22 -3.92 -19.38
N ASN A 221 -11.61 -4.47 -18.23
CA ASN A 221 -11.66 -3.73 -16.95
C ASN A 221 -10.26 -3.60 -16.34
N PRO A 222 -10.05 -2.59 -15.46
CA PRO A 222 -8.75 -2.55 -14.80
C PRO A 222 -8.60 -3.70 -13.81
N ASP A 223 -7.37 -4.17 -13.64
CA ASP A 223 -7.05 -5.28 -12.76
C ASP A 223 -6.45 -4.79 -11.44
N PHE A 224 -6.63 -3.50 -11.17
CA PHE A 224 -6.05 -2.82 -10.02
C PHE A 224 -6.95 -1.71 -9.45
N LEU A 225 -7.05 -1.63 -8.12
CA LEU A 225 -7.73 -0.52 -7.45
C LEU A 225 -6.99 -0.01 -6.20
N LYS A 226 -6.76 1.30 -6.13
CA LYS A 226 -6.11 1.91 -4.96
C LYS A 226 -6.82 3.20 -4.53
N ASP A 227 -7.35 3.21 -3.31
CA ASP A 227 -7.92 4.43 -2.73
C ASP A 227 -7.50 4.75 -1.30
N ASP A 228 -6.79 5.87 -1.19
CA ASP A 228 -6.25 6.46 0.04
C ASP A 228 -7.23 7.43 0.69
N PHE A 229 -8.22 7.86 -0.11
CA PHE A 229 -9.19 8.91 0.23
C PHE A 229 -8.57 10.28 0.56
N GLU A 230 -7.28 10.43 0.26
CA GLU A 230 -6.60 11.71 0.45
C GLU A 230 -6.89 12.67 -0.72
N GLY A 231 -7.70 12.21 -1.68
CA GLY A 231 -7.98 12.97 -2.90
C GLY A 231 -9.20 13.88 -2.83
N ASP A 236 -13.81 7.93 -9.78
CA ASP A 236 -14.27 6.87 -10.68
C ASP A 236 -13.97 5.43 -10.17
N ARG A 237 -13.24 5.30 -9.05
CA ARG A 237 -13.01 3.98 -8.47
C ARG A 237 -14.30 3.36 -7.96
N PHE A 238 -15.24 4.21 -7.54
CA PHE A 238 -16.48 3.75 -6.93
C PHE A 238 -17.72 4.13 -7.71
N LEU A 239 -18.67 3.21 -7.72
CA LEU A 239 -19.94 3.44 -8.37
C LEU A 239 -20.89 4.17 -7.42
N LEU A 240 -20.93 3.71 -6.18
CA LEU A 240 -21.59 4.50 -5.14
C LEU A 240 -20.78 4.54 -3.85
N MET A 241 -20.87 5.68 -3.17
CA MET A 241 -20.36 5.85 -1.82
C MET A 241 -21.50 6.38 -0.97
N SER A 242 -22.28 5.47 -0.41
CA SER A 242 -23.46 5.87 0.31
C SER A 242 -23.26 5.78 1.82
N GLY A 243 -23.59 6.88 2.50
CA GLY A 243 -23.67 6.92 3.95
C GLY A 243 -22.38 7.27 4.65
N GLY A 244 -21.43 7.84 3.90
CA GLY A 244 -20.08 8.08 4.39
C GLY A 244 -19.32 9.22 3.74
N LYS A 245 -18.80 10.11 4.58
CA LYS A 245 -17.97 11.23 4.13
C LYS A 245 -16.49 10.88 4.28
N PRO A 246 -15.61 11.61 3.56
CA PRO A 246 -14.18 11.56 3.90
C PRO A 246 -13.92 12.41 5.15
N SER A 247 -13.39 11.77 6.18
CA SER A 247 -13.21 12.41 7.48
C SER A 247 -11.84 12.07 8.07
N ARG A 248 -11.42 12.83 9.06
CA ARG A 248 -10.24 12.47 9.82
C ARG A 248 -10.65 11.81 11.13
N LYS A 249 -11.95 11.75 11.38
CA LYS A 249 -12.50 11.19 12.61
C LYS A 249 -12.25 9.70 12.70
N CYS A 250 -11.90 9.24 13.90
CA CYS A 250 -11.78 7.82 14.21
C CYS A 250 -10.57 7.14 13.57
N GLY A 251 -9.63 7.96 13.09
CA GLY A 251 -8.55 7.51 12.22
C GLY A 251 -7.76 6.29 12.67
N ILE A 252 -7.36 5.49 11.69
CA ILE A 252 -6.25 4.55 11.86
C ILE A 252 -4.96 5.28 11.46
N LEU A 253 -4.83 5.59 10.17
CA LEU A 253 -3.60 6.14 9.57
C LEU A 253 -3.45 7.66 9.67
N SER A 254 -2.50 8.09 10.50
CA SER A 254 -2.36 9.52 10.84
C SER A 254 -1.71 10.38 9.75
N SER A 255 -1.69 9.87 8.52
CA SER A 255 -1.31 10.67 7.34
C SER A 255 -2.48 11.55 6.90
N GLY A 256 -3.68 10.96 6.82
CA GLY A 256 -4.87 11.73 6.49
C GLY A 256 -6.25 11.07 6.52
N ASN A 257 -7.04 11.40 5.51
CA ASN A 257 -8.47 11.13 5.48
C ASN A 257 -8.86 9.66 5.40
N ASN A 258 -10.02 9.35 5.95
CA ASN A 258 -10.61 8.03 5.81
C ASN A 258 -12.07 8.17 5.42
N LEU A 259 -12.72 7.04 5.13
CA LEU A 259 -14.15 7.06 4.80
C LEU A 259 -14.95 6.69 6.05
N PHE A 260 -15.75 7.64 6.52
CA PHE A 260 -16.45 7.50 7.80
C PHE A 260 -17.94 7.29 7.59
N PHE A 261 -18.39 6.08 7.91
CA PHE A 261 -19.80 5.73 7.84
C PHE A 261 -20.48 6.00 9.17
N ASN A 262 -20.89 7.26 9.35
CA ASN A 262 -21.51 7.76 10.58
C ASN A 262 -22.93 8.23 10.33
N GLU A 263 -23.27 8.35 9.05
CA GLU A 263 -24.58 8.86 8.64
C GLU A 263 -25.71 7.84 8.70
N ASP A 264 -26.92 8.32 8.40
CA ASP A 264 -28.11 7.49 8.38
C ASP A 264 -28.55 7.11 6.94
N GLY A 265 -29.35 6.05 6.84
CA GLY A 265 -29.88 5.62 5.56
C GLY A 265 -29.27 4.33 5.08
N LEU A 266 -28.55 4.40 3.97
CA LEU A 266 -27.85 3.22 3.45
C LEU A 266 -26.36 3.40 3.61
N ARG A 267 -25.71 2.44 4.26
CA ARG A 267 -24.26 2.44 4.42
C ARG A 267 -23.67 1.39 3.51
N MET A 268 -23.16 1.88 2.38
CA MET A 268 -22.65 1.01 1.34
C MET A 268 -21.62 1.70 0.47
N LEU A 269 -20.58 0.95 0.13
CA LEU A 269 -19.54 1.39 -0.78
C LEU A 269 -19.33 0.29 -1.83
N VAL A 270 -19.29 0.70 -3.10
CA VAL A 270 -19.35 -0.23 -4.23
C VAL A 270 -18.31 0.13 -5.28
N THR A 271 -17.46 -0.84 -5.62
CA THR A 271 -16.36 -0.62 -6.59
C THR A 271 -16.87 -0.58 -8.03
N ARG A 272 -16.04 -0.09 -8.94
CA ARG A 272 -16.38 -0.22 -10.36
C ARG A 272 -16.17 -1.68 -10.73
N ASP A 273 -16.67 -2.11 -11.89
CA ASP A 273 -16.43 -3.48 -12.33
C ASP A 273 -14.96 -3.65 -12.66
N LEU A 274 -14.36 -4.68 -12.07
CA LEU A 274 -12.92 -4.90 -12.17
C LEU A 274 -12.58 -6.25 -12.78
N ASP A 275 -11.44 -6.32 -13.46
CA ASP A 275 -10.89 -7.59 -13.93
C ASP A 275 -10.10 -8.21 -12.79
N LEU A 276 -10.67 -9.25 -12.19
CA LEU A 276 -10.05 -9.87 -11.03
C LEU A 276 -9.64 -11.32 -11.34
N SER A 277 -9.62 -11.65 -12.63
CA SER A 277 -9.30 -13.01 -13.08
C SER A 277 -7.94 -13.49 -12.55
N HIS A 278 -6.98 -12.56 -12.40
CA HIS A 278 -5.63 -12.88 -11.96
C HIS A 278 -5.22 -12.09 -10.71
N ALA A 279 -6.18 -11.43 -10.08
CA ALA A 279 -5.96 -10.73 -8.82
C ALA A 279 -5.61 -11.70 -7.68
N ARG A 280 -4.80 -11.23 -6.75
CA ARG A 280 -4.37 -12.03 -5.62
C ARG A 280 -5.10 -11.63 -4.32
N PHE A 281 -5.47 -10.36 -4.18
CA PHE A 281 -5.84 -9.83 -2.87
C PHE A 281 -6.83 -8.68 -2.88
N VAL A 282 -7.51 -8.54 -1.75
CA VAL A 282 -8.19 -7.34 -1.40
C VAL A 282 -7.72 -7.03 0.00
N GLN A 283 -7.26 -5.80 0.20
CA GLN A 283 -6.70 -5.38 1.47
C GLN A 283 -7.23 -3.98 1.78
N PHE A 284 -7.34 -3.68 3.07
CA PHE A 284 -7.85 -2.38 3.50
C PHE A 284 -7.68 -2.22 5.01
N PHE A 285 -7.82 -0.99 5.48
CA PHE A 285 -7.89 -0.74 6.91
C PHE A 285 -9.37 -0.60 7.29
N MET A 286 -9.70 -1.16 8.46
CA MET A 286 -11.09 -1.16 8.92
C MET A 286 -11.23 -1.14 10.45
N ARG A 287 -12.18 -0.34 10.91
CA ARG A 287 -12.46 -0.21 12.33
C ARG A 287 -13.95 -0.32 12.57
N LEU A 288 -14.33 -1.11 13.56
CA LEU A 288 -15.76 -1.31 13.85
C LEU A 288 -16.14 -0.78 15.23
N GLY A 289 -16.83 0.35 15.22
CA GLY A 289 -17.17 1.06 16.43
C GLY A 289 -16.32 2.31 16.47
N CYS A 290 -16.91 3.38 16.98
CA CYS A 290 -16.17 4.59 17.27
C CYS A 290 -16.77 5.17 18.54
N GLY A 291 -16.43 4.54 19.65
CA GLY A 291 -17.01 4.88 20.94
C GLY A 291 -16.07 4.74 22.10
N LYS A 292 -16.62 4.98 23.30
CA LYS A 292 -15.89 4.94 24.55
C LYS A 292 -15.35 3.54 24.84
N GLY A 293 -16.23 2.55 24.82
CA GLY A 293 -15.87 1.18 25.19
C GLY A 293 -16.13 0.17 24.10
N VAL A 294 -16.76 -0.94 24.51
CA VAL A 294 -17.08 -2.03 23.59
C VAL A 294 -18.35 -1.72 22.79
N PRO A 295 -18.29 -1.84 21.45
CA PRO A 295 -19.47 -1.64 20.62
C PRO A 295 -20.61 -2.57 21.02
N ASP A 296 -21.85 -2.06 21.00
CA ASP A 296 -23.00 -2.81 21.49
C ASP A 296 -23.39 -3.95 20.55
N PRO A 297 -24.03 -5.02 21.09
CA PRO A 297 -24.34 -6.23 20.32
C PRO A 297 -25.25 -5.99 19.11
N ARG A 298 -26.19 -5.04 19.24
CA ARG A 298 -27.19 -4.74 18.21
C ARG A 298 -26.61 -4.10 16.94
N SER A 299 -25.29 -3.87 16.92
CA SER A 299 -24.61 -3.31 15.77
C SER A 299 -24.58 -4.35 14.67
N GLN A 300 -25.07 -3.98 13.50
CA GLN A 300 -25.13 -4.89 12.38
C GLN A 300 -23.75 -5.01 11.76
N PRO A 301 -23.38 -6.21 11.30
CA PRO A 301 -22.04 -6.41 10.75
C PRO A 301 -21.82 -5.68 9.43
N VAL A 302 -20.55 -5.53 9.05
CA VAL A 302 -20.22 -5.03 7.73
C VAL A 302 -19.91 -6.20 6.80
N LEU A 303 -20.56 -6.18 5.64
CA LEU A 303 -20.46 -7.27 4.70
C LEU A 303 -19.62 -6.87 3.50
N LEU A 304 -18.59 -7.68 3.24
CA LEU A 304 -17.81 -7.58 2.02
C LEU A 304 -18.33 -8.64 1.04
N GLN A 305 -18.87 -8.18 -0.10
CA GLN A 305 -19.47 -9.09 -1.06
C GLN A 305 -19.04 -8.80 -2.50
N TYR A 306 -19.25 -9.78 -3.36
CA TYR A 306 -18.88 -9.66 -4.76
C TYR A 306 -20.05 -10.02 -5.69
N SER A 307 -19.98 -9.46 -6.90
CA SER A 307 -21.00 -9.61 -7.91
C SER A 307 -20.30 -9.67 -9.25
N LEU A 308 -20.66 -10.70 -10.03
CA LEU A 308 -20.12 -10.93 -11.39
C LEU A 308 -21.16 -10.50 -12.44
N ASN A 309 -22.31 -10.04 -11.98
CA ASN A 309 -23.43 -9.73 -12.87
C ASN A 309 -24.01 -8.32 -12.61
N GLY A 310 -23.13 -7.34 -12.53
CA GLY A 310 -23.51 -5.94 -12.47
C GLY A 310 -24.38 -5.52 -11.31
N GLY A 311 -24.30 -6.25 -10.19
CA GLY A 311 -25.10 -5.94 -9.01
C GLY A 311 -26.36 -6.78 -8.77
N LEU A 312 -26.72 -7.65 -9.70
CA LEU A 312 -27.96 -8.42 -9.57
C LEU A 312 -27.93 -9.43 -8.42
N SER A 313 -26.80 -10.12 -8.27
CA SER A 313 -26.66 -11.06 -7.17
C SER A 313 -25.28 -10.92 -6.51
N TRP A 314 -25.27 -11.09 -5.19
CA TRP A 314 -24.10 -10.87 -4.37
C TRP A 314 -23.75 -12.12 -3.56
N SER A 315 -22.48 -12.50 -3.59
CA SER A 315 -21.95 -13.59 -2.79
C SER A 315 -21.06 -13.05 -1.69
N LEU A 316 -21.21 -13.60 -0.48
CA LEU A 316 -20.38 -13.18 0.64
C LEU A 316 -18.89 -13.48 0.44
N LEU A 317 -18.05 -12.49 0.73
CA LEU A 317 -16.61 -12.69 0.80
C LEU A 317 -16.19 -12.79 2.26
N GLN A 318 -16.63 -11.83 3.08
CA GLN A 318 -16.31 -11.82 4.50
C GLN A 318 -17.33 -11.05 5.31
N GLU A 319 -17.77 -11.65 6.43
CA GLU A 319 -18.55 -10.92 7.42
C GLU A 319 -17.60 -10.27 8.41
N PHE A 320 -17.92 -9.04 8.80
CA PHE A 320 -17.13 -8.36 9.81
C PHE A 320 -18.00 -8.03 11.02
N LEU A 321 -17.78 -8.77 12.10
CA LEU A 321 -18.57 -8.61 13.30
C LEU A 321 -18.06 -7.52 14.22
N PHE A 322 -18.99 -6.78 14.82
CA PHE A 322 -18.68 -5.93 15.95
C PHE A 322 -18.53 -6.85 17.16
N SER A 323 -17.41 -6.73 17.86
CA SER A 323 -17.14 -7.54 19.04
C SER A 323 -16.37 -6.73 20.05
N ASN A 324 -16.17 -7.30 21.24
CA ASN A 324 -15.39 -6.66 22.31
C ASN A 324 -14.00 -6.20 21.86
N SER A 325 -13.50 -6.81 20.78
CA SER A 325 -12.19 -6.46 20.25
C SER A 325 -12.29 -5.84 18.84
N SER A 326 -13.36 -5.08 18.58
CA SER A 326 -13.56 -4.52 17.24
C SER A 326 -13.30 -3.00 17.15
N ASN A 327 -13.49 -2.31 18.28
CA ASN A 327 -13.35 -0.85 18.41
C ASN A 327 -11.94 -0.30 18.15
N VAL A 328 -11.11 -1.08 17.47
CA VAL A 328 -9.71 -0.72 17.22
C VAL A 328 -9.42 -0.79 15.72
N GLY A 329 -8.75 0.23 15.19
CA GLY A 329 -8.41 0.26 13.76
C GLY A 329 -7.43 -0.83 13.42
N ARG A 330 -7.71 -1.60 12.36
CA ARG A 330 -6.81 -2.69 12.00
C ARG A 330 -6.72 -3.07 10.51
N TYR A 331 -5.65 -3.80 10.19
CA TYR A 331 -5.32 -4.22 8.84
C TYR A 331 -5.98 -5.54 8.48
N ILE A 332 -6.70 -5.53 7.37
CA ILE A 332 -7.38 -6.70 6.85
C ILE A 332 -6.85 -6.95 5.42
N ALA A 333 -6.27 -8.13 5.21
CA ALA A 333 -5.90 -8.63 3.90
C ALA A 333 -6.54 -10.02 3.65
N LEU A 334 -7.25 -10.12 2.53
CA LEU A 334 -7.94 -11.34 2.14
C LEU A 334 -7.49 -11.79 0.75
N GLU A 335 -7.41 -13.10 0.57
CA GLU A 335 -7.18 -13.69 -0.73
C GLU A 335 -8.44 -13.67 -1.57
N MET A 336 -8.27 -13.51 -2.88
CA MET A 336 -9.38 -13.46 -3.82
C MET A 336 -9.98 -14.86 -3.95
N PRO A 337 -11.26 -15.02 -3.58
CA PRO A 337 -11.85 -16.37 -3.71
C PRO A 337 -11.98 -16.77 -5.17
N LEU A 338 -11.90 -18.07 -5.42
CA LEU A 338 -11.98 -18.63 -6.76
C LEU A 338 -13.21 -18.11 -7.53
N LYS A 339 -14.35 -18.10 -6.85
CA LYS A 339 -15.62 -17.73 -7.46
C LYS A 339 -15.71 -16.24 -7.87
N ALA A 340 -14.80 -15.42 -7.35
CA ALA A 340 -14.76 -13.98 -7.69
C ALA A 340 -13.98 -13.70 -8.98
N ARG A 341 -13.18 -14.68 -9.39
CA ARG A 341 -12.27 -14.47 -10.52
C ARG A 341 -13.04 -14.40 -11.85
N SER A 342 -13.18 -13.19 -12.38
CA SER A 342 -13.75 -12.96 -13.71
C SER A 342 -13.36 -11.56 -14.17
N GLY A 343 -13.44 -11.34 -15.49
CA GLY A 343 -13.03 -10.06 -16.08
C GLY A 343 -13.95 -8.91 -15.76
N SER A 344 -14.84 -9.10 -14.78
CA SER A 344 -15.93 -8.17 -14.50
C SER A 344 -16.55 -8.39 -13.11
N THR A 345 -15.73 -8.33 -12.06
CA THR A 345 -16.24 -8.46 -10.72
C THR A 345 -16.22 -7.11 -10.01
N ARG A 346 -17.25 -6.89 -9.19
CA ARG A 346 -17.32 -5.70 -8.36
C ARG A 346 -17.53 -6.09 -6.90
N LEU A 347 -17.04 -5.22 -6.02
CA LEU A 347 -17.05 -5.51 -4.62
C LEU A 347 -17.88 -4.49 -3.86
N ARG A 348 -18.49 -4.90 -2.76
CA ARG A 348 -19.13 -3.94 -1.89
C ARG A 348 -18.99 -4.19 -0.39
N TRP A 349 -18.95 -3.07 0.33
CA TRP A 349 -19.01 -3.05 1.78
C TRP A 349 -20.38 -2.47 2.09
N TRP A 350 -21.16 -3.23 2.84
CA TRP A 350 -22.51 -2.84 3.17
C TRP A 350 -22.81 -3.20 4.62
N GLN A 351 -23.40 -2.25 5.36
CA GLN A 351 -23.89 -2.52 6.72
C GLN A 351 -25.42 -2.47 6.76
N PRO A 352 -26.06 -3.65 6.86
CA PRO A 352 -27.53 -3.79 6.92
C PRO A 352 -28.12 -3.04 8.10
N SER A 353 -29.38 -2.62 7.97
CA SER A 353 -30.16 -2.02 9.05
C SER A 353 -31.60 -1.79 8.61
N GLU A 354 -32.53 -2.03 9.55
CA GLU A 354 -33.97 -1.97 9.30
C GLU A 354 -34.47 -0.64 8.73
N ASN A 355 -34.03 0.47 9.33
CA ASN A 355 -34.64 1.78 9.13
C ASN A 355 -33.63 2.89 8.82
N GLY A 356 -32.50 2.50 8.24
CA GLY A 356 -31.41 3.43 7.98
C GLY A 356 -30.84 4.08 9.24
N HIS A 357 -30.97 3.41 10.37
CA HIS A 357 -30.44 3.89 11.65
C HIS A 357 -29.44 2.89 12.20
N PHE A 358 -28.38 3.39 12.84
CA PHE A 358 -27.23 2.55 13.24
C PHE A 358 -26.80 2.79 14.69
N TYR A 359 -26.26 1.74 15.31
CA TYR A 359 -25.82 1.79 16.72
C TYR A 359 -24.37 2.24 16.88
N SER A 360 -23.49 1.67 16.08
CA SER A 360 -22.11 2.12 16.03
C SER A 360 -21.67 2.23 14.58
N PRO A 361 -20.94 3.32 14.26
CA PRO A 361 -20.41 3.52 12.91
C PRO A 361 -19.24 2.58 12.58
N TRP A 362 -18.63 2.80 11.43
CA TRP A 362 -17.39 2.14 11.05
C TRP A 362 -16.58 2.99 10.09
N VAL A 363 -15.29 2.70 10.04
CA VAL A 363 -14.33 3.45 9.24
C VAL A 363 -13.59 2.47 8.33
N ILE A 364 -13.21 2.95 7.16
CA ILE A 364 -12.47 2.17 6.19
C ILE A 364 -11.46 3.07 5.45
N ASP A 365 -10.25 2.55 5.23
CA ASP A 365 -9.14 3.30 4.62
C ASP A 365 -8.17 2.41 3.84
N GLN A 366 -7.37 3.02 2.99
CA GLN A 366 -6.33 2.32 2.20
C GLN A 366 -6.83 1.03 1.59
N ILE A 367 -7.73 1.18 0.63
CA ILE A 367 -8.27 0.05 -0.08
C ILE A 367 -7.39 -0.23 -1.29
N LEU A 368 -6.88 -1.45 -1.34
CA LEU A 368 -6.18 -1.92 -2.51
C LEU A 368 -6.77 -3.24 -2.95
N ILE A 369 -6.94 -3.36 -4.25
CA ILE A 369 -7.36 -4.59 -4.89
C ILE A 369 -6.42 -4.81 -6.05
N GLY A 370 -5.97 -6.04 -6.22
CA GLY A 370 -5.05 -6.37 -7.31
C GLY A 370 -4.09 -7.49 -6.98
N GLY A 371 -2.86 -7.35 -7.45
CA GLY A 371 -1.87 -8.40 -7.34
C GLY A 371 -1.88 -9.19 -8.62
N ASN A 372 -0.98 -10.17 -8.71
CA ASN A 372 -0.94 -11.12 -9.80
C ASN A 372 -0.83 -12.54 -9.25
N ILE A 373 -1.57 -13.46 -9.86
CA ILE A 373 -1.49 -14.87 -9.49
C ILE A 373 -0.21 -15.45 -10.08
N SER A 374 0.12 -15.03 -11.29
CA SER A 374 1.39 -15.41 -11.90
C SER A 374 2.50 -15.03 -10.95
N GLY A 375 2.15 -14.21 -9.94
CA GLY A 375 3.08 -13.63 -8.96
C GLY A 375 4.45 -13.58 -9.56
N ASN A 376 4.64 -12.66 -10.50
CA ASN A 376 5.85 -12.60 -11.33
C ASN A 376 7.13 -12.60 -10.52
N THR A 377 8.25 -12.88 -11.18
CA THR A 377 9.52 -12.99 -10.50
C THR A 377 10.31 -11.69 -10.48
N VAL A 378 9.86 -10.68 -11.21
CA VAL A 378 10.65 -9.46 -11.32
C VAL A 378 9.86 -8.17 -11.03
N LEU A 379 10.27 -7.46 -10.00
CA LEU A 379 9.85 -6.09 -9.72
C LEU A 379 11.10 -5.22 -9.85
N GLU A 380 11.05 -4.27 -10.78
CA GLU A 380 12.20 -3.42 -11.06
C GLU A 380 11.79 -1.95 -11.10
N ASP A 381 12.67 -1.07 -10.64
CA ASP A 381 12.34 0.36 -10.64
C ASP A 381 13.55 1.32 -10.60
N ASP A 382 13.49 2.38 -11.41
CA ASP A 382 14.43 3.51 -11.29
C ASP A 382 13.74 4.79 -10.77
N PHE A 383 12.44 4.65 -10.48
CA PHE A 383 11.55 5.73 -10.02
C PHE A 383 11.56 6.98 -10.89
N SER A 384 11.48 6.81 -12.20
CA SER A 384 11.17 7.92 -13.07
C SER A 384 9.68 8.20 -12.91
N THR A 385 8.94 7.14 -12.61
CA THR A 385 7.51 7.20 -12.29
C THR A 385 7.32 6.44 -10.97
N LEU A 386 6.18 6.63 -10.32
CA LEU A 386 5.87 5.89 -9.10
C LEU A 386 4.60 5.08 -9.28
N ASP A 387 4.75 3.88 -9.84
CA ASP A 387 3.63 3.00 -10.12
C ASP A 387 3.14 2.33 -8.85
N SER A 388 1.85 2.48 -8.56
CA SER A 388 1.27 1.90 -7.35
C SER A 388 1.05 0.37 -7.40
N ARG A 389 1.02 -0.20 -8.60
CA ARG A 389 0.93 -1.65 -8.78
C ARG A 389 2.17 -2.36 -8.27
N LYS A 390 3.32 -1.70 -8.37
CA LYS A 390 4.58 -2.19 -7.77
C LYS A 390 4.71 -1.78 -6.30
N TRP A 391 4.36 -0.52 -6.00
CA TRP A 391 4.51 0.02 -4.65
C TRP A 391 3.16 0.27 -4.02
N LEU A 392 2.60 -0.76 -3.41
CA LEU A 392 1.26 -0.70 -2.84
C LEU A 392 1.05 0.51 -1.98
N LEU A 393 1.96 0.69 -1.01
CA LEU A 393 1.90 1.76 -0.03
C LEU A 393 3.25 2.41 0.08
N HIS A 394 3.26 3.74 0.17
CA HIS A 394 4.48 4.51 0.46
C HIS A 394 4.24 5.73 1.37
N PRO A 395 3.68 5.52 2.59
CA PRO A 395 3.47 6.66 3.49
C PRO A 395 4.78 7.41 3.83
N GLY A 396 4.74 8.73 3.76
CA GLY A 396 5.92 9.55 4.01
C GLY A 396 6.89 9.66 2.85
N GLY A 397 6.56 9.04 1.71
CA GLY A 397 7.51 8.95 0.60
C GLY A 397 7.22 9.88 -0.57
N THR A 398 8.25 10.48 -1.15
CA THR A 398 8.10 11.39 -2.29
C THR A 398 8.97 10.96 -3.46
N LYS A 399 8.40 10.98 -4.66
CA LYS A 399 9.17 10.85 -5.88
C LYS A 399 9.93 12.16 -6.12
N MET A 400 11.22 12.11 -5.84
CA MET A 400 12.10 13.26 -5.97
C MET A 400 13.54 12.75 -6.04
N PRO A 401 14.45 13.58 -6.58
CA PRO A 401 15.86 13.27 -6.40
C PRO A 401 16.31 13.64 -4.99
N VAL A 402 17.37 12.97 -4.54
CA VAL A 402 18.07 13.37 -3.33
C VAL A 402 19.49 12.78 -3.28
N CYS A 403 20.44 13.61 -2.89
N CYS A 403 20.45 13.60 -2.87
CA CYS A 403 21.81 13.18 -2.63
CA CYS A 403 21.84 13.16 -2.64
C CYS A 403 22.57 12.79 -3.91
C CYS A 403 22.60 12.81 -3.91
N GLY A 404 22.37 13.58 -4.97
CA GLY A 404 22.99 13.33 -6.27
C GLY A 404 22.55 12.05 -6.95
N SER A 405 21.35 11.58 -6.65
CA SER A 405 20.80 10.39 -7.30
C SER A 405 20.65 10.56 -8.83
N THR A 406 20.38 9.45 -9.49
CA THR A 406 20.08 9.45 -10.91
C THR A 406 18.57 9.54 -11.07
N GLY A 407 18.15 10.68 -11.63
CA GLY A 407 16.74 11.05 -11.67
C GLY A 407 16.13 11.08 -10.27
N ASP A 408 14.88 10.66 -10.19
CA ASP A 408 14.17 10.57 -8.95
C ASP A 408 14.47 9.27 -8.22
N ALA A 409 14.38 9.36 -6.90
CA ALA A 409 14.32 8.22 -6.00
C ALA A 409 13.00 8.28 -5.25
N LEU A 410 12.66 7.20 -4.54
CA LEU A 410 11.59 7.23 -3.57
C LEU A 410 12.22 7.74 -2.29
N VAL A 411 11.73 8.87 -1.79
CA VAL A 411 12.37 9.59 -0.68
C VAL A 411 11.46 9.81 0.53
N PHE A 412 11.97 9.52 1.72
CA PHE A 412 11.26 9.72 2.98
C PHE A 412 11.88 10.91 3.72
N ILE A 413 11.50 12.11 3.31
CA ILE A 413 12.11 13.36 3.76
C ILE A 413 11.13 14.30 4.47
N GLU A 414 9.86 14.28 4.07
CA GLU A 414 8.85 15.21 4.60
C GLU A 414 8.39 14.88 6.03
N LYS A 415 7.57 15.76 6.62
CA LYS A 415 7.05 15.55 7.97
C LYS A 415 6.04 14.40 7.97
N ALA A 416 6.36 13.35 8.72
CA ALA A 416 5.53 12.17 8.71
C ALA A 416 5.37 11.54 10.09
N SER A 417 4.19 11.01 10.36
CA SER A 417 3.97 10.16 11.53
C SER A 417 4.56 8.78 11.27
N THR A 418 4.62 8.42 9.98
CA THR A 418 5.01 7.08 9.54
C THR A 418 5.82 7.17 8.26
N ARG A 419 6.85 6.34 8.16
CA ARG A 419 7.60 6.19 6.91
C ARG A 419 7.80 4.73 6.62
N TYR A 420 7.19 4.27 5.53
CA TYR A 420 7.46 2.94 4.98
C TYR A 420 7.02 2.76 3.54
N VAL A 421 7.55 1.72 2.90
CA VAL A 421 7.14 1.36 1.55
C VAL A 421 6.96 -0.16 1.43
N VAL A 422 5.76 -0.58 1.02
CA VAL A 422 5.46 -2.00 0.82
C VAL A 422 5.38 -2.28 -0.68
N THR A 423 6.08 -3.33 -1.11
CA THR A 423 6.01 -3.83 -2.48
C THR A 423 4.74 -4.67 -2.69
N THR A 424 4.36 -4.87 -3.96
CA THR A 424 3.36 -5.89 -4.30
C THR A 424 3.99 -7.29 -4.20
N ASP A 425 3.17 -8.33 -4.32
CA ASP A 425 3.67 -9.70 -4.24
C ASP A 425 4.38 -10.15 -5.52
N ILE A 426 5.61 -10.66 -5.34
CA ILE A 426 6.28 -11.39 -6.39
C ILE A 426 6.65 -12.81 -5.93
N ALA A 427 6.88 -13.69 -6.90
CA ALA A 427 7.26 -15.05 -6.59
C ALA A 427 8.77 -15.13 -6.45
N VAL A 428 9.21 -15.63 -5.28
CA VAL A 428 10.63 -15.70 -4.96
C VAL A 428 11.13 -17.16 -4.98
N ASN A 429 12.21 -17.38 -5.74
CA ASN A 429 12.78 -18.72 -5.95
C ASN A 429 14.28 -18.77 -5.62
N GLU A 430 14.93 -19.90 -5.92
CA GLU A 430 16.38 -20.09 -5.72
C GLU A 430 17.29 -18.99 -6.29
N ASP A 431 16.96 -18.46 -7.47
CA ASP A 431 17.84 -17.49 -8.13
C ASP A 431 17.46 -16.04 -7.85
N SER A 432 16.58 -15.82 -6.86
CA SER A 432 16.05 -14.49 -6.59
C SER A 432 16.94 -13.70 -5.63
N PHE A 433 17.11 -12.41 -5.93
CA PHE A 433 17.90 -11.52 -5.10
C PHE A 433 17.31 -10.12 -5.05
N LEU A 434 17.59 -9.41 -3.95
CA LEU A 434 17.14 -8.05 -3.75
C LEU A 434 18.34 -7.14 -3.96
N GLN A 435 18.17 -6.12 -4.79
CA GLN A 435 19.24 -5.15 -5.02
C GLN A 435 18.68 -3.75 -5.10
N ILE A 436 19.11 -2.89 -4.18
CA ILE A 436 18.64 -1.50 -4.09
C ILE A 436 19.79 -0.55 -3.83
N ASP A 437 19.65 0.71 -4.27
CA ASP A 437 20.52 1.78 -3.81
C ASP A 437 19.83 2.36 -2.58
N PHE A 438 20.59 2.63 -1.53
CA PHE A 438 20.03 3.18 -0.30
C PHE A 438 20.84 4.38 0.15
N ALA A 439 20.15 5.32 0.76
CA ALA A 439 20.82 6.48 1.33
C ALA A 439 20.06 6.89 2.57
N ALA A 440 20.80 7.20 3.64
CA ALA A 440 20.22 7.81 4.82
C ALA A 440 20.18 9.35 4.64
N SER A 441 20.61 10.11 5.65
CA SER A 441 20.33 11.55 5.66
C SER A 441 21.20 12.43 4.76
N CYS A 442 22.31 11.88 4.25
N CYS A 442 22.31 11.87 4.28
CA CYS A 442 23.21 12.60 3.35
CA CYS A 442 23.25 12.57 3.38
C CYS A 442 23.76 13.88 4.00
C CYS A 442 23.78 13.86 4.00
N SER A 443 24.31 13.73 5.21
CA SER A 443 24.91 14.84 5.98
C SER A 443 23.93 15.91 6.49
N VAL A 444 22.65 15.57 6.58
CA VAL A 444 21.68 16.47 7.19
C VAL A 444 21.79 16.40 8.74
N THR A 445 21.72 15.19 9.28
CA THR A 445 21.87 14.94 10.70
C THR A 445 23.07 14.01 10.94
N ASP A 446 23.55 13.96 12.19
CA ASP A 446 24.54 12.96 12.59
C ASP A 446 23.92 11.91 13.55
N SER A 447 22.60 11.77 13.48
CA SER A 447 21.87 10.79 14.27
C SER A 447 22.27 9.38 13.91
N CYS A 448 22.23 8.50 14.90
CA CYS A 448 22.39 7.09 14.69
C CYS A 448 21.01 6.46 14.62
N TYR A 449 20.62 6.02 13.43
CA TYR A 449 19.34 5.33 13.24
C TYR A 449 19.46 4.24 12.18
N ALA A 450 18.51 3.31 12.20
CA ALA A 450 18.50 2.16 11.30
C ALA A 450 17.14 1.97 10.67
N ILE A 451 17.12 1.70 9.37
CA ILE A 451 15.89 1.36 8.66
C ILE A 451 15.68 -0.15 8.69
N GLU A 452 14.55 -0.57 9.27
CA GLU A 452 14.23 -1.99 9.24
C GLU A 452 13.84 -2.39 7.81
N LEU A 453 14.22 -3.62 7.45
CA LEU A 453 13.92 -4.21 6.14
C LEU A 453 13.28 -5.58 6.37
N GLU A 454 12.03 -5.70 5.93
CA GLU A 454 11.21 -6.88 6.25
C GLU A 454 10.59 -7.54 5.03
N TYR A 455 10.05 -8.73 5.25
CA TYR A 455 9.35 -9.47 4.20
C TYR A 455 8.05 -10.06 4.75
N SER A 456 7.11 -10.37 3.86
CA SER A 456 5.87 -11.04 4.21
C SER A 456 5.43 -12.08 3.16
N VAL A 457 4.91 -13.21 3.64
CA VAL A 457 4.35 -14.25 2.78
C VAL A 457 2.84 -14.42 3.00
N ASP A 458 2.28 -13.64 3.92
CA ASP A 458 0.84 -13.66 4.19
C ASP A 458 0.18 -12.31 3.91
N LEU A 459 0.63 -11.67 2.82
CA LEU A 459 0.02 -10.43 2.30
C LEU A 459 0.09 -9.26 3.27
N GLY A 460 1.17 -9.17 4.02
CA GLY A 460 1.39 -8.09 4.96
C GLY A 460 0.64 -8.17 6.28
N LEU A 461 0.02 -9.31 6.57
CA LEU A 461 -0.61 -9.51 7.87
C LEU A 461 0.41 -9.73 8.98
N SER A 462 1.66 -9.93 8.59
CA SER A 462 2.73 -10.15 9.55
C SER A 462 4.04 -9.99 8.81
N TRP A 463 4.99 -9.35 9.48
CA TRP A 463 6.27 -9.04 8.88
C TRP A 463 7.40 -9.66 9.63
N HIS A 464 8.38 -10.14 8.89
CA HIS A 464 9.54 -10.77 9.46
C HIS A 464 10.75 -10.06 8.91
N PRO A 465 11.87 -10.06 9.68
CA PRO A 465 13.09 -9.39 9.21
C PRO A 465 13.73 -10.21 8.11
N LEU A 466 14.20 -9.55 7.06
CA LEU A 466 14.83 -10.24 5.93
C LEU A 466 16.16 -10.86 6.36
N VAL A 467 17.06 -10.03 6.89
CA VAL A 467 18.34 -10.49 7.42
C VAL A 467 18.22 -10.67 8.94
N ARG A 468 18.32 -11.91 9.40
CA ARG A 468 18.15 -12.19 10.83
C ARG A 468 19.48 -12.14 11.60
N ASP A 469 19.49 -11.38 12.69
CA ASP A 469 20.70 -11.08 13.47
C ASP A 469 21.48 -12.34 13.85
N CYS A 470 22.58 -12.60 13.14
CA CYS A 470 23.35 -13.81 13.40
C CYS A 470 24.87 -13.64 13.50
N LEU A 471 25.46 -14.32 14.49
CA LEU A 471 26.88 -14.22 14.84
C LEU A 471 27.53 -15.59 15.16
N PRO A 472 28.88 -15.67 15.17
CA PRO A 472 29.62 -16.93 15.32
C PRO A 472 29.38 -17.74 16.63
N THR A 473 28.18 -17.59 17.20
CA THR A 473 27.77 -18.32 18.39
C THR A 473 27.56 -19.80 18.09
N ASN A 474 26.93 -20.07 16.95
CA ASN A 474 26.64 -21.44 16.53
C ASN A 474 26.84 -21.66 15.03
N VAL A 475 27.06 -22.92 14.65
CA VAL A 475 27.04 -23.36 13.25
C VAL A 475 25.64 -23.12 12.66
N GLU A 476 24.69 -22.81 13.55
CA GLU A 476 23.39 -22.25 13.19
C GLU A 476 23.53 -21.18 12.08
N CYS A 477 24.74 -20.65 11.94
CA CYS A 477 25.10 -19.79 10.81
C CYS A 477 26.49 -20.10 10.25
N SER A 478 26.70 -19.74 8.99
CA SER A 478 28.04 -19.69 8.40
C SER A 478 28.25 -18.37 7.65
N ARG A 479 27.15 -17.66 7.42
CA ARG A 479 27.20 -16.25 7.04
C ARG A 479 26.93 -15.45 8.30
N TYR A 480 27.56 -14.28 8.42
CA TYR A 480 27.39 -13.43 9.60
C TYR A 480 26.97 -12.02 9.23
N HIS A 481 25.98 -11.52 9.94
CA HIS A 481 25.35 -10.23 9.64
C HIS A 481 24.43 -9.79 10.77
N LEU A 482 23.99 -8.54 10.70
CA LEU A 482 23.06 -7.97 11.65
C LEU A 482 21.67 -7.82 11.03
N GLN A 483 20.64 -7.98 11.85
CA GLN A 483 19.28 -7.61 11.46
C GLN A 483 19.23 -6.23 10.80
N ARG A 484 19.75 -5.22 11.49
CA ARG A 484 19.78 -3.85 11.00
C ARG A 484 20.99 -3.62 10.09
N ILE A 485 20.78 -3.73 8.79
CA ILE A 485 21.86 -3.54 7.83
C ILE A 485 21.88 -2.08 7.40
N LEU A 486 20.69 -1.54 7.15
CA LEU A 486 20.54 -0.20 6.59
C LEU A 486 20.72 0.90 7.65
N VAL A 487 21.96 1.13 8.06
CA VAL A 487 22.28 2.05 9.17
C VAL A 487 22.70 3.42 8.63
N SER A 488 22.43 4.48 9.40
CA SER A 488 22.55 5.85 8.89
C SER A 488 23.96 6.38 8.60
N ASP A 489 24.95 5.95 9.38
CA ASP A 489 26.32 6.44 9.19
C ASP A 489 27.05 5.76 8.02
N THR A 490 26.96 4.43 7.97
CA THR A 490 27.46 3.61 6.87
C THR A 490 26.86 4.06 5.54
N PHE A 491 25.54 4.28 5.56
CA PHE A 491 24.77 4.60 4.35
C PHE A 491 24.44 6.07 4.23
N ASN A 492 25.26 6.93 4.83
CA ASN A 492 25.05 8.38 4.71
C ASN A 492 24.69 8.73 3.27
N LYS A 493 25.54 8.35 2.33
CA LYS A 493 25.27 8.59 0.90
C LYS A 493 24.94 7.30 0.11
N TRP A 494 24.59 7.43 -1.17
CA TRP A 494 24.21 6.30 -2.02
C TRP A 494 25.20 5.15 -2.00
N THR A 495 24.66 3.98 -1.66
CA THR A 495 25.42 2.74 -1.52
C THR A 495 24.51 1.66 -2.06
N ARG A 496 25.04 0.82 -2.93
CA ARG A 496 24.25 -0.30 -3.42
C ARG A 496 24.28 -1.44 -2.40
N ILE A 497 23.18 -2.18 -2.33
CA ILE A 497 23.13 -3.36 -1.47
C ILE A 497 22.43 -4.52 -2.18
N THR A 498 23.14 -5.63 -2.29
CA THR A 498 22.63 -6.80 -3.00
C THR A 498 22.54 -7.99 -2.05
N LEU A 499 21.33 -8.54 -1.92
CA LEU A 499 21.14 -9.72 -1.08
C LEU A 499 20.53 -10.88 -1.86
N PRO A 500 21.24 -12.02 -1.91
CA PRO A 500 20.58 -13.24 -2.35
C PRO A 500 19.46 -13.54 -1.36
N LEU A 501 18.28 -13.83 -1.88
CA LEU A 501 17.12 -13.99 -1.04
C LEU A 501 17.10 -15.34 -0.33
N PRO A 502 17.06 -15.32 1.02
CA PRO A 502 17.07 -16.52 1.85
C PRO A 502 15.91 -17.44 1.51
N SER A 503 16.05 -18.72 1.85
CA SER A 503 15.07 -19.74 1.47
C SER A 503 13.70 -19.45 2.05
N TYR A 504 13.68 -18.93 3.28
CA TYR A 504 12.41 -18.58 3.94
C TYR A 504 11.74 -17.33 3.32
N THR A 505 12.34 -16.71 2.31
CA THR A 505 11.59 -15.71 1.55
C THR A 505 10.96 -16.31 0.29
N ARG A 506 11.24 -17.59 0.04
CA ARG A 506 10.71 -18.24 -1.16
C ARG A 506 9.27 -18.65 -0.98
N SER A 507 8.41 -17.98 -1.75
CA SER A 507 6.99 -18.28 -1.83
C SER A 507 6.48 -17.75 -3.17
N GLN A 508 5.20 -18.00 -3.45
CA GLN A 508 4.55 -17.47 -4.64
C GLN A 508 4.21 -15.99 -4.51
N ALA A 509 4.10 -15.52 -3.27
CA ALA A 509 3.64 -14.17 -2.99
C ALA A 509 4.37 -13.62 -1.79
N THR A 510 5.59 -13.15 -2.02
CA THR A 510 6.38 -12.50 -0.99
C THR A 510 6.37 -11.01 -1.31
N ARG A 511 5.98 -10.20 -0.34
CA ARG A 511 6.11 -8.77 -0.48
C ARG A 511 7.21 -8.27 0.46
N PHE A 512 7.74 -7.10 0.15
CA PHE A 512 8.82 -6.54 0.94
C PHE A 512 8.43 -5.18 1.49
N ARG A 513 9.04 -4.83 2.62
CA ARG A 513 8.78 -3.57 3.29
C ARG A 513 10.05 -3.01 3.87
N TRP A 514 10.25 -1.71 3.63
CA TRP A 514 11.24 -0.88 4.25
C TRP A 514 10.52 -0.08 5.33
N HIS A 515 11.02 -0.12 6.56
CA HIS A 515 10.29 0.43 7.71
C HIS A 515 11.17 1.30 8.61
N GLN A 516 10.75 2.54 8.82
CA GLN A 516 11.39 3.37 9.84
C GLN A 516 10.57 3.30 11.12
N PRO A 517 11.08 2.59 12.13
CA PRO A 517 10.28 2.39 13.34
C PRO A 517 10.18 3.69 14.13
N ALA A 518 8.97 3.99 14.57
CA ALA A 518 8.73 5.16 15.40
C ALA A 518 9.20 4.85 16.82
N PRO A 519 9.54 5.89 17.62
CA PRO A 519 9.58 7.29 17.23
C PRO A 519 10.81 7.61 16.37
N PHE A 520 10.72 8.67 15.58
CA PHE A 520 11.85 9.14 14.77
C PHE A 520 11.70 10.62 14.43
N ASP A 521 12.82 11.32 14.43
CA ASP A 521 12.85 12.73 14.09
C ASP A 521 12.68 12.86 12.57
N LYS A 522 12.23 14.03 12.13
CA LYS A 522 12.02 14.27 10.69
C LYS A 522 13.35 14.17 9.91
N GLN A 523 14.41 14.72 10.51
CA GLN A 523 15.72 14.86 9.87
C GLN A 523 16.48 13.53 9.73
N GLN A 524 15.88 12.45 10.22
CA GLN A 524 16.33 11.10 9.92
C GLN A 524 15.72 10.60 8.59
N THR A 525 16.12 11.27 7.50
CA THR A 525 15.61 10.96 6.18
C THR A 525 16.33 9.74 5.61
N TRP A 526 15.69 9.10 4.65
CA TRP A 526 16.28 8.00 3.90
C TRP A 526 15.63 7.89 2.54
N ALA A 527 16.21 7.07 1.67
CA ALA A 527 15.78 6.98 0.27
C ALA A 527 16.24 5.70 -0.40
N ILE A 528 15.44 5.20 -1.33
CA ILE A 528 15.80 4.06 -2.17
C ILE A 528 15.69 4.42 -3.66
N ASP A 529 16.48 3.76 -4.49
CA ASP A 529 16.50 3.95 -5.94
C ASP A 529 17.03 2.65 -6.54
N ASN A 530 16.90 2.49 -7.87
CA ASN A 530 17.50 1.37 -8.63
C ASN A 530 17.21 0.01 -7.98
N VAL A 531 15.93 -0.23 -7.74
CA VAL A 531 15.46 -1.45 -7.10
C VAL A 531 15.31 -2.53 -8.15
N TYR A 532 16.02 -3.63 -7.96
CA TYR A 532 15.76 -4.85 -8.68
C TYR A 532 15.59 -5.98 -7.65
N ILE A 533 14.38 -6.52 -7.60
CA ILE A 533 14.12 -7.74 -6.85
C ILE A 533 13.74 -8.77 -7.90
N GLY A 534 14.60 -9.75 -8.15
CA GLY A 534 14.27 -10.75 -9.16
C GLY A 534 15.33 -11.79 -9.46
N ASP A 535 15.09 -12.54 -10.52
CA ASP A 535 15.92 -13.69 -10.88
C ASP A 535 16.51 -13.60 -12.29
N GLY A 536 16.60 -12.38 -12.84
CA GLY A 536 16.97 -12.20 -14.24
C GLY A 536 18.45 -12.09 -14.59
N CYS A 537 19.28 -11.75 -13.61
CA CYS A 537 20.71 -11.63 -13.84
C CYS A 537 21.45 -12.64 -12.98
N LEU A 538 21.74 -13.82 -13.55
CA LEU A 538 22.41 -14.87 -12.79
C LEU A 538 23.81 -14.43 -12.35
N ASP A 539 24.24 -14.92 -11.19
CA ASP A 539 25.48 -14.49 -10.51
C ASP A 539 25.40 -13.09 -9.88
N MET A 540 24.33 -12.35 -10.13
CA MET A 540 24.08 -11.02 -9.52
C MET A 540 25.03 -9.92 -10.07
N CYS A 541 25.41 -10.06 -11.33
CA CYS A 541 26.41 -9.21 -11.99
C CYS A 541 27.77 -9.26 -11.31
N SER A 542 28.02 -10.35 -10.59
CA SER A 542 29.32 -10.63 -9.96
C SER A 542 29.67 -9.66 -8.81
N GLY A 543 28.71 -8.80 -8.45
CA GLY A 543 28.92 -7.80 -7.42
C GLY A 543 29.38 -6.45 -7.92
N HIS A 544 29.47 -6.28 -9.25
CA HIS A 544 30.03 -5.06 -9.85
C HIS A 544 29.14 -4.45 -10.92
N GLY A 545 27.84 -4.54 -10.70
CA GLY A 545 26.86 -3.97 -11.62
C GLY A 545 25.47 -4.12 -11.05
N ARG A 546 24.50 -3.56 -11.74
CA ARG A 546 23.12 -3.76 -11.33
C ARG A 546 22.34 -4.41 -12.46
N CYS A 547 21.36 -5.21 -12.10
CA CYS A 547 20.52 -5.85 -13.08
C CYS A 547 19.48 -4.87 -13.59
N VAL A 548 19.42 -4.75 -14.92
CA VAL A 548 18.48 -3.84 -15.58
C VAL A 548 17.88 -4.52 -16.81
N GLN A 549 16.70 -5.12 -16.62
CA GLN A 549 15.97 -5.81 -17.67
C GLN A 549 16.66 -7.08 -18.11
N GLY A 550 17.28 -7.78 -17.16
CA GLY A 550 17.96 -9.04 -17.44
C GLY A 550 19.32 -8.84 -18.06
N SER A 551 19.82 -7.62 -17.97
CA SER A 551 21.17 -7.29 -18.42
C SER A 551 21.88 -6.56 -17.30
N CYS A 552 23.19 -6.81 -17.19
CA CYS A 552 24.01 -6.10 -16.22
C CYS A 552 24.46 -4.74 -16.76
N VAL A 553 24.29 -3.71 -15.95
CA VAL A 553 24.93 -2.42 -16.17
C VAL A 553 26.07 -2.32 -15.17
N CYS A 554 27.30 -2.35 -15.67
CA CYS A 554 28.45 -2.50 -14.80
C CYS A 554 28.87 -1.21 -14.12
N ASP A 555 29.54 -1.34 -12.99
CA ASP A 555 30.10 -0.19 -12.31
C ASP A 555 31.30 0.24 -13.15
N GLU A 556 31.70 1.51 -13.05
CA GLU A 556 32.89 1.96 -13.75
C GLU A 556 34.06 1.05 -13.41
N GLN A 557 35.04 0.99 -14.31
CA GLN A 557 36.21 0.10 -14.14
C GLN A 557 35.86 -1.37 -14.35
N TRP A 558 34.63 -1.66 -14.72
CA TRP A 558 34.21 -3.04 -14.99
C TRP A 558 33.47 -3.12 -16.30
N GLY A 559 33.72 -4.20 -17.03
CA GLY A 559 33.00 -4.49 -18.26
C GLY A 559 32.63 -5.96 -18.35
N GLY A 560 32.26 -6.38 -19.56
CA GLY A 560 31.78 -7.74 -19.78
C GLY A 560 30.27 -7.85 -19.61
N LEU A 561 29.72 -8.97 -20.08
CA LEU A 561 28.29 -9.24 -20.00
C LEU A 561 27.80 -9.43 -18.57
N TYR A 562 28.68 -9.92 -17.68
CA TYR A 562 28.31 -10.17 -16.29
C TYR A 562 29.15 -9.37 -15.29
N CYS A 563 29.87 -8.38 -15.82
CA CYS A 563 30.69 -7.45 -15.03
C CYS A 563 31.84 -8.12 -14.27
N ASP A 564 32.49 -9.11 -14.89
CA ASP A 564 33.59 -9.84 -14.24
C ASP A 564 34.97 -9.62 -14.89
N GLU A 565 35.04 -8.68 -15.82
CA GLU A 565 36.31 -8.25 -16.41
C GLU A 565 36.57 -6.80 -16.00
N PRO A 566 37.68 -6.56 -15.28
CA PRO A 566 37.95 -5.19 -14.84
C PRO A 566 38.61 -4.39 -15.95
N GLU A 567 38.31 -3.09 -16.02
CA GLU A 567 38.82 -2.24 -17.09
C GLU A 567 40.27 -1.83 -16.85
N THR A 568 40.68 -1.75 -15.59
CA THR A 568 42.09 -1.49 -15.24
C THR A 568 42.63 -2.44 -14.16
N SER A 569 43.94 -2.37 -13.93
CA SER A 569 44.62 -3.20 -12.92
C SER A 569 44.21 -2.77 -11.52
N LEU A 570 43.58 -3.69 -10.78
CA LEU A 570 43.34 -3.47 -9.35
C LEU A 570 44.66 -3.58 -8.57
N PRO A 571 44.82 -2.80 -7.48
CA PRO A 571 46.05 -2.89 -6.70
C PRO A 571 46.24 -4.28 -6.09
N THR A 572 47.48 -4.74 -6.04
CA THR A 572 47.78 -6.11 -5.60
C THR A 572 48.11 -6.15 -4.12
N GLN A 573 48.01 -4.99 -3.48
CA GLN A 573 48.58 -4.81 -2.15
C GLN A 573 47.85 -3.72 -1.40
N LEU A 574 47.75 -3.92 -0.08
CA LEU A 574 47.25 -2.89 0.81
C LEU A 574 48.18 -2.71 2.00
N LYS A 575 48.76 -1.52 2.10
CA LYS A 575 49.57 -1.13 3.23
C LYS A 575 49.02 0.16 3.83
N ASP A 576 48.77 0.18 5.14
CA ASP A 576 48.37 1.41 5.85
C ASP A 576 48.94 1.54 7.27
N ASN A 577 49.65 2.63 7.49
CA ASN A 577 50.31 2.93 8.75
C ASN A 577 49.43 3.78 9.68
N PHE A 578 48.41 4.42 9.11
CA PHE A 578 47.55 5.38 9.81
C PHE A 578 48.35 6.53 10.44
N ASN A 579 49.37 7.01 9.73
CA ASN A 579 50.10 8.19 10.20
C ASN A 579 49.54 9.43 9.51
N ARG A 580 48.73 9.19 8.48
CA ARG A 580 48.04 10.22 7.72
C ARG A 580 46.56 9.83 7.58
N ALA A 581 45.74 10.69 6.97
CA ALA A 581 44.29 10.40 6.83
C ALA A 581 44.01 9.19 5.93
N PRO A 582 43.16 8.25 6.41
CA PRO A 582 42.76 7.11 5.58
C PRO A 582 42.32 7.60 4.20
N SER A 583 42.85 6.98 3.14
CA SER A 583 42.58 7.45 1.78
C SER A 583 41.50 6.61 1.10
N ASN A 584 40.90 7.22 0.07
CA ASN A 584 39.90 6.58 -0.76
C ASN A 584 40.51 5.56 -1.73
N GLN A 585 41.84 5.51 -1.80
CA GLN A 585 42.54 4.50 -2.61
C GLN A 585 42.83 3.20 -1.83
N ASN A 586 42.42 3.18 -0.55
CA ASN A 586 42.61 2.03 0.33
C ASN A 586 41.30 1.51 0.91
N TRP A 587 40.41 2.43 1.26
CA TRP A 587 39.21 2.11 2.01
C TRP A 587 37.95 2.61 1.32
N LEU A 588 36.94 1.75 1.23
CA LEU A 588 35.64 2.17 0.73
C LEU A 588 34.77 2.79 1.82
N THR A 589 34.93 2.31 3.07
CA THR A 589 34.10 2.67 4.20
C THR A 589 34.91 2.69 5.51
N VAL A 590 34.73 3.76 6.27
CA VAL A 590 35.22 3.87 7.63
C VAL A 590 34.07 4.45 8.45
N SER A 591 33.45 3.62 9.30
CA SER A 591 32.41 4.13 10.18
C SER A 591 32.81 3.96 11.63
N GLY A 592 32.58 5.00 12.43
CA GLY A 592 32.84 4.98 13.87
C GLY A 592 34.30 5.16 14.28
N GLY A 593 35.15 5.36 13.29
CA GLY A 593 36.59 5.43 13.48
C GLY A 593 37.23 6.77 13.13
N LYS A 594 38.25 7.12 13.90
CA LYS A 594 39.11 8.24 13.59
C LYS A 594 40.52 8.01 14.13
N LEU A 595 41.48 8.75 13.57
CA LEU A 595 42.86 8.78 14.04
C LEU A 595 42.95 9.33 15.48
N SER A 596 43.67 8.59 16.32
CA SER A 596 43.81 8.94 17.73
C SER A 596 45.15 8.49 18.31
N THR A 597 45.46 9.00 19.50
CA THR A 597 46.64 8.58 20.24
C THR A 597 46.21 7.86 21.52
N VAL A 598 44.93 7.96 21.81
CA VAL A 598 44.30 7.42 23.02
C VAL A 598 44.72 6.00 23.45
N CYS A 599 45.17 5.18 22.49
CA CYS A 599 45.56 3.80 22.79
C CYS A 599 47.05 3.68 23.10
N GLY A 600 47.76 4.78 22.94
CA GLY A 600 49.20 4.76 22.94
C GLY A 600 49.64 4.15 21.63
N ALA A 601 50.89 3.69 21.58
CA ALA A 601 51.40 3.02 20.41
C ALA A 601 50.77 1.62 20.32
N VAL A 602 50.00 1.42 19.25
CA VAL A 602 49.44 0.11 18.96
C VAL A 602 50.46 -0.61 18.08
N ALA A 603 50.82 0.03 16.97
CA ALA A 603 52.07 -0.28 16.29
C ALA A 603 53.01 0.90 16.54
N SER A 604 52.67 2.05 15.97
CA SER A 604 53.43 3.27 16.13
C SER A 604 52.57 4.43 15.67
N GLY A 605 52.95 5.66 16.05
CA GLY A 605 52.19 6.87 15.76
C GLY A 605 50.71 6.79 16.10
N LEU A 606 49.89 7.29 15.19
CA LEU A 606 48.44 7.21 15.29
C LEU A 606 47.91 5.86 14.81
N ALA A 607 46.84 5.41 15.44
CA ALA A 607 46.13 4.22 15.02
C ALA A 607 44.73 4.68 14.61
N LEU A 608 44.02 3.83 13.89
CA LEU A 608 42.63 4.10 13.56
C LEU A 608 41.80 3.59 14.72
N HIS A 609 41.24 4.52 15.49
CA HIS A 609 40.50 4.19 16.70
C HIS A 609 39.00 4.18 16.43
N PHE A 610 38.36 3.09 16.85
CA PHE A 610 36.93 2.89 16.71
C PHE A 610 36.25 2.97 18.08
N SER A 611 35.56 4.09 18.31
CA SER A 611 34.84 4.32 19.56
C SER A 611 33.54 5.08 19.33
N GLY A 612 33.06 5.12 18.09
CA GLY A 612 31.84 5.85 17.73
C GLY A 612 30.59 5.23 18.33
N GLY A 613 29.49 5.97 18.28
CA GLY A 613 28.24 5.55 18.89
C GLY A 613 27.32 4.70 18.01
N CYS A 614 27.63 4.62 16.71
CA CYS A 614 26.79 3.88 15.77
C CYS A 614 27.55 2.65 15.23
N SER A 615 27.80 2.62 13.92
CA SER A 615 28.51 1.52 13.32
C SER A 615 30.01 1.69 13.55
N ARG A 616 30.71 0.58 13.71
CA ARG A 616 32.14 0.58 13.77
C ARG A 616 32.56 -0.44 12.72
N LEU A 617 33.00 0.07 11.57
CA LEU A 617 33.15 -0.73 10.36
C LEU A 617 34.27 -0.24 9.46
N LEU A 618 35.12 -1.18 9.04
CA LEU A 618 36.26 -0.86 8.22
C LEU A 618 36.27 -1.77 7.02
N VAL A 619 36.30 -1.19 5.82
CA VAL A 619 36.18 -1.94 4.56
C VAL A 619 37.20 -1.45 3.49
N THR A 620 37.93 -2.41 2.91
CA THR A 620 39.00 -2.12 1.95
C THR A 620 38.42 -1.98 0.56
N VAL A 621 39.17 -1.31 -0.33
CA VAL A 621 38.89 -1.33 -1.76
C VAL A 621 38.98 -2.78 -2.27
N ASP A 622 38.47 -3.05 -3.46
CA ASP A 622 38.69 -4.34 -4.10
C ASP A 622 40.18 -4.47 -4.45
N LEU A 623 40.74 -5.62 -4.07
CA LEU A 623 42.17 -5.89 -4.22
C LEU A 623 42.39 -7.12 -5.08
N ASN A 624 43.33 -7.02 -6.00
CA ASN A 624 43.78 -8.15 -6.80
C ASN A 624 44.68 -9.03 -5.95
N LEU A 625 44.12 -10.10 -5.42
CA LEU A 625 44.86 -10.96 -4.50
C LEU A 625 45.25 -12.29 -5.14
N THR A 626 45.32 -12.28 -6.47
CA THR A 626 45.76 -13.43 -7.25
C THR A 626 47.02 -14.05 -6.66
N ASN A 627 47.99 -13.21 -6.29
CA ASN A 627 49.28 -13.70 -5.78
C ASN A 627 49.58 -13.27 -4.35
N ALA A 628 48.55 -13.07 -3.56
CA ALA A 628 48.72 -12.53 -2.23
C ALA A 628 48.81 -13.65 -1.20
N GLU A 629 49.63 -13.44 -0.17
CA GLU A 629 49.94 -14.48 0.82
C GLU A 629 49.20 -14.33 2.16
N PHE A 630 49.15 -13.11 2.69
CA PHE A 630 48.72 -12.92 4.06
C PHE A 630 47.99 -11.61 4.30
N ILE A 631 47.33 -11.54 5.46
CA ILE A 631 46.80 -10.29 5.99
C ILE A 631 47.32 -10.14 7.42
N GLN A 632 47.76 -8.94 7.75
CA GLN A 632 48.32 -8.68 9.06
C GLN A 632 48.12 -7.25 9.53
N PHE A 633 48.18 -7.10 10.85
CA PHE A 633 47.87 -5.84 11.49
C PHE A 633 48.06 -5.98 13.00
N TYR A 634 48.36 -4.84 13.65
CA TYR A 634 48.42 -4.77 15.11
C TYR A 634 47.04 -4.39 15.65
N PHE A 635 46.71 -4.86 16.85
CA PHE A 635 45.32 -4.77 17.33
C PHE A 635 45.21 -4.69 18.85
N MET A 636 44.36 -3.76 19.32
CA MET A 636 44.13 -3.56 20.75
C MET A 636 42.65 -3.27 21.05
N TYR A 637 42.15 -3.85 22.15
CA TYR A 637 40.84 -3.52 22.75
C TYR A 637 40.90 -2.59 23.96
N GLY A 638 39.81 -1.84 24.17
CA GLY A 638 39.60 -1.02 25.37
C GLY A 638 40.65 0.02 25.75
N CYS A 639 40.88 0.99 24.86
CA CYS A 639 41.71 2.13 25.16
C CYS A 639 40.93 3.08 26.07
N LEU A 640 39.60 2.97 25.99
CA LEU A 640 38.69 3.73 26.82
C LEU A 640 37.98 2.79 27.79
N ILE A 641 37.08 1.97 27.24
CA ILE A 641 36.31 1.00 28.02
C ILE A 641 36.50 -0.40 27.43
N THR A 642 37.01 -1.30 28.25
CA THR A 642 37.19 -2.72 27.93
C THR A 642 35.89 -3.41 27.48
N PRO A 643 35.94 -4.16 26.36
CA PRO A 643 34.75 -4.87 25.87
C PRO A 643 34.09 -5.75 26.92
N SER A 644 32.76 -5.75 26.95
CA SER A 644 31.98 -6.40 28.00
C SER A 644 31.70 -7.88 27.77
N ASN A 645 31.36 -8.25 26.53
CA ASN A 645 31.11 -9.66 26.18
C ASN A 645 31.38 -10.06 24.74
N ARG A 646 31.39 -11.38 24.52
CA ARG A 646 31.85 -12.01 23.29
C ARG A 646 31.38 -11.35 22.00
N ASN A 647 30.08 -11.08 21.90
CA ASN A 647 29.47 -10.49 20.70
C ASN A 647 29.99 -9.09 20.35
N GLN A 648 30.81 -8.55 21.23
CA GLN A 648 31.41 -7.27 20.98
C GLN A 648 32.76 -7.41 20.27
N GLY A 649 33.21 -8.65 20.05
CA GLY A 649 34.44 -8.92 19.29
C GLY A 649 34.38 -8.53 17.81
N VAL A 650 35.41 -7.84 17.33
CA VAL A 650 35.48 -7.47 15.92
C VAL A 650 35.67 -8.73 15.08
N LEU A 651 34.85 -8.88 14.02
CA LEU A 651 35.01 -9.94 13.04
C LEU A 651 35.71 -9.45 11.76
N LEU A 652 36.59 -10.31 11.24
CA LEU A 652 37.32 -10.02 9.99
C LEU A 652 36.85 -10.99 8.91
N GLU A 653 36.26 -10.44 7.85
CA GLU A 653 35.64 -11.25 6.79
C GLU A 653 36.13 -10.79 5.43
N TYR A 654 36.01 -11.64 4.41
CA TYR A 654 36.43 -11.26 3.05
C TYR A 654 35.33 -11.54 2.03
N SER A 655 35.36 -10.82 0.91
CA SER A 655 34.40 -11.04 -0.14
C SER A 655 35.07 -10.99 -1.50
N VAL A 656 34.67 -11.93 -2.35
CA VAL A 656 35.21 -12.04 -3.69
C VAL A 656 34.14 -11.73 -4.71
N ASN A 657 33.01 -11.18 -4.24
CA ASN A 657 31.88 -10.78 -5.10
C ASN A 657 31.24 -9.43 -4.77
N GLY A 658 32.09 -8.43 -4.52
CA GLY A 658 31.65 -7.03 -4.35
C GLY A 658 30.87 -6.80 -3.07
N GLY A 659 31.15 -7.64 -2.07
CA GLY A 659 30.46 -7.54 -0.79
C GLY A 659 29.10 -8.17 -0.75
N ILE A 660 28.70 -8.86 -1.82
CA ILE A 660 27.43 -9.56 -1.75
C ILE A 660 27.46 -10.67 -0.67
N THR A 661 28.54 -11.46 -0.64
CA THR A 661 28.70 -12.45 0.41
C THR A 661 30.06 -12.35 1.09
N TRP A 662 30.06 -12.59 2.41
CA TRP A 662 31.22 -12.38 3.25
C TRP A 662 31.57 -13.68 3.90
N ASN A 663 32.87 -13.99 3.93
CA ASN A 663 33.36 -15.22 4.54
C ASN A 663 34.22 -14.90 5.75
N LEU A 664 33.84 -15.40 6.93
CA LEU A 664 34.64 -15.17 8.15
C LEU A 664 36.06 -15.70 7.99
N LEU A 665 37.03 -14.87 8.35
CA LEU A 665 38.41 -15.28 8.38
C LEU A 665 38.84 -15.44 9.83
N MET A 666 38.43 -14.47 10.65
CA MET A 666 38.83 -14.43 12.04
C MET A 666 37.79 -13.74 12.92
N GLU A 667 37.47 -14.38 14.02
CA GLU A 667 36.82 -13.75 15.14
C GLU A 667 37.96 -13.19 15.99
N ILE A 668 38.01 -11.88 16.14
CA ILE A 668 39.06 -11.25 16.93
C ILE A 668 38.57 -11.16 18.38
N PHE A 669 38.73 -12.28 19.09
CA PHE A 669 38.09 -12.47 20.39
C PHE A 669 38.26 -11.31 21.35
N TYR A 670 37.19 -11.06 22.11
CA TYR A 670 37.02 -9.85 22.93
C TYR A 670 37.99 -9.75 24.14
N ASP A 671 38.13 -10.84 24.88
CA ASP A 671 38.98 -10.86 26.07
C ASP A 671 40.49 -10.90 25.75
N GLN A 672 40.83 -11.22 24.49
CA GLN A 672 42.22 -11.16 24.07
C GLN A 672 42.52 -9.68 23.73
N TYR A 673 43.77 -9.40 23.37
CA TYR A 673 44.17 -8.01 22.99
C TYR A 673 43.82 -6.91 23.99
N SER A 674 44.06 -7.12 25.28
CA SER A 674 43.96 -6.01 26.23
C SER A 674 45.16 -5.06 26.11
N LYS A 675 46.31 -5.62 25.73
CA LYS A 675 47.46 -4.83 25.23
C LYS A 675 47.65 -5.14 23.73
N PRO A 676 48.37 -4.26 23.00
CA PRO A 676 48.49 -4.48 21.54
C PRO A 676 49.07 -5.83 21.16
N GLY A 677 48.35 -6.60 20.36
CA GLY A 677 48.86 -7.85 19.80
C GLY A 677 48.95 -7.81 18.29
N PHE A 678 49.69 -8.75 17.72
CA PHE A 678 49.89 -8.85 16.27
C PHE A 678 49.10 -10.02 15.70
N VAL A 679 48.34 -9.76 14.64
CA VAL A 679 47.53 -10.79 14.00
C VAL A 679 48.12 -11.10 12.62
N ASN A 680 48.51 -12.36 12.41
CA ASN A 680 48.95 -12.81 11.07
C ASN A 680 48.19 -14.04 10.57
N ILE A 681 47.46 -13.86 9.48
CA ILE A 681 46.64 -14.91 8.91
C ILE A 681 47.03 -15.17 7.46
N LEU A 682 47.13 -16.45 7.12
CA LEU A 682 47.32 -16.89 5.74
C LEU A 682 45.98 -16.79 5.00
N LEU A 683 46.00 -16.16 3.82
CA LEU A 683 44.84 -16.14 2.94
C LEU A 683 44.47 -17.56 2.46
N PRO A 684 43.19 -17.95 2.61
CA PRO A 684 42.76 -19.24 2.05
C PRO A 684 42.68 -19.15 0.52
N PRO A 685 42.77 -20.27 -0.19
CA PRO A 685 42.84 -20.21 -1.66
C PRO A 685 41.68 -19.44 -2.30
N ASP A 686 40.47 -19.61 -1.74
CA ASP A 686 39.25 -18.97 -2.25
C ASP A 686 39.24 -17.45 -2.10
N ALA A 687 40.11 -16.91 -1.24
CA ALA A 687 40.25 -15.47 -1.06
C ALA A 687 41.16 -14.84 -2.11
N LYS A 688 41.93 -15.66 -2.81
CA LYS A 688 42.94 -15.18 -3.76
C LYS A 688 42.35 -14.92 -5.14
N GLU A 689 41.36 -14.04 -5.21
CA GLU A 689 40.70 -13.74 -6.48
C GLU A 689 41.14 -12.38 -7.03
N ILE A 690 40.74 -12.07 -8.25
CA ILE A 690 41.17 -10.82 -8.89
C ILE A 690 40.55 -9.55 -8.30
N ALA A 691 39.57 -9.72 -7.40
CA ALA A 691 38.92 -8.60 -6.73
C ALA A 691 38.37 -8.96 -5.34
N THR A 692 39.24 -8.92 -4.34
CA THR A 692 38.84 -9.28 -2.99
C THR A 692 38.89 -8.06 -2.08
N ARG A 693 37.86 -7.91 -1.27
CA ARG A 693 37.80 -6.83 -0.29
C ARG A 693 37.67 -7.37 1.13
N PHE A 694 38.16 -6.61 2.09
CA PHE A 694 38.05 -7.01 3.49
C PHE A 694 37.22 -6.04 4.34
N ARG A 695 36.62 -6.59 5.40
CA ARG A 695 35.95 -5.77 6.40
C ARG A 695 36.24 -6.22 7.81
N TRP A 696 36.40 -5.23 8.70
CA TRP A 696 36.45 -5.43 10.12
C TRP A 696 35.18 -4.76 10.57
N TRP A 697 34.40 -5.42 11.41
CA TRP A 697 33.21 -4.78 11.96
C TRP A 697 32.87 -5.26 13.38
N GLN A 698 32.46 -4.34 14.23
CA GLN A 698 31.94 -4.71 15.53
C GLN A 698 30.43 -4.83 15.44
N PRO A 699 29.91 -6.02 15.78
CA PRO A 699 28.46 -6.26 15.80
C PRO A 699 27.74 -5.54 16.94
N ARG A 700 28.45 -5.31 18.04
CA ARG A 700 27.84 -4.85 19.30
C ARG A 700 28.79 -4.02 20.14
N HIS A 701 28.22 -3.03 20.85
CA HIS A 701 28.94 -2.25 21.84
C HIS A 701 27.95 -1.43 22.66
N ASP A 702 28.35 -1.03 23.87
CA ASP A 702 27.49 -0.27 24.78
C ASP A 702 27.32 1.19 24.36
N GLY A 703 27.87 1.55 23.21
CA GLY A 703 27.64 2.88 22.66
C GLY A 703 28.87 3.76 22.68
N LEU A 704 28.65 5.08 22.64
CA LEU A 704 29.72 6.05 22.47
C LEU A 704 30.86 5.83 23.46
N ASP A 705 32.08 5.74 22.93
CA ASP A 705 33.29 5.56 23.72
C ASP A 705 33.25 4.34 24.65
N GLN A 706 32.49 3.33 24.26
CA GLN A 706 32.44 2.08 25.01
C GLN A 706 32.83 0.86 24.17
N ASN A 707 33.68 0.01 24.75
CA ASN A 707 34.10 -1.28 24.17
C ASN A 707 34.96 -1.08 22.93
N ASP A 708 35.75 -0.01 22.96
CA ASP A 708 36.47 0.49 21.78
C ASP A 708 37.57 -0.46 21.31
N TRP A 709 38.12 -0.16 20.15
CA TRP A 709 39.17 -0.98 19.58
C TRP A 709 39.98 -0.15 18.59
N ALA A 710 41.20 -0.60 18.31
CA ALA A 710 42.12 0.13 17.45
C ALA A 710 42.85 -0.88 16.58
N ILE A 711 43.22 -0.44 15.39
CA ILE A 711 43.97 -1.21 14.43
C ILE A 711 45.09 -0.35 13.85
N ASP A 712 46.31 -0.89 13.81
CA ASP A 712 47.44 -0.16 13.24
C ASP A 712 48.22 -1.07 12.30
N ASN A 713 48.96 -0.45 11.37
CA ASN A 713 49.86 -1.16 10.49
C ASN A 713 49.22 -2.35 9.80
N VAL A 714 48.23 -2.06 8.98
CA VAL A 714 47.56 -3.06 8.19
C VAL A 714 48.42 -3.36 6.98
N LEU A 715 48.59 -4.65 6.70
CA LEU A 715 49.36 -5.11 5.56
C LEU A 715 48.71 -6.33 4.89
N ILE A 716 48.35 -6.17 3.61
CA ILE A 716 47.97 -7.31 2.77
C ILE A 716 48.93 -7.36 1.61
N SER A 717 49.72 -8.43 1.57
CA SER A 717 50.88 -8.49 0.69
C SER A 717 51.27 -9.93 0.37
N CYS B 8 25.18 27.70 -1.39
CA CYS B 8 24.02 26.85 -1.03
C CYS B 8 23.55 26.01 -2.22
N GLU B 9 22.89 24.88 -1.94
CA GLU B 9 22.50 23.93 -2.99
C GLU B 9 21.12 24.26 -3.57
N LYS B 10 20.89 23.79 -4.79
CA LYS B 10 19.67 24.11 -5.53
C LYS B 10 18.40 23.55 -4.88
N ASP B 11 18.36 22.23 -4.64
CA ASP B 11 17.24 21.63 -3.90
C ASP B 11 17.25 22.03 -2.41
N GLN B 12 17.96 23.11 -2.10
CA GLN B 12 17.99 23.65 -0.74
C GLN B 12 17.40 25.05 -0.68
N PHE B 13 17.04 25.48 0.52
CA PHE B 13 16.55 26.82 0.79
C PHE B 13 17.43 27.47 1.85
N GLN B 14 17.89 28.69 1.59
CA GLN B 14 18.73 29.42 2.56
C GLN B 14 17.88 30.19 3.58
N CYS B 15 18.05 29.83 4.85
CA CYS B 15 17.44 30.55 5.97
C CYS B 15 18.16 31.87 6.18
N ARG B 16 17.55 32.75 6.97
CA ARG B 16 18.18 34.00 7.39
C ARG B 16 19.28 33.75 8.42
N ASN B 17 19.33 32.52 8.95
CA ASN B 17 20.45 32.00 9.76
C ASN B 17 21.78 31.88 8.99
N GLU B 18 21.72 32.00 7.65
CA GLU B 18 22.75 31.49 6.71
C GLU B 18 22.65 29.97 6.52
N ARG B 19 21.94 29.32 7.43
CA ARG B 19 21.67 27.88 7.40
C ARG B 19 20.94 27.42 6.13
N CYS B 20 21.32 26.25 5.62
CA CYS B 20 20.64 25.69 4.46
C CYS B 20 19.87 24.41 4.83
N ILE B 21 18.61 24.33 4.40
CA ILE B 21 17.77 23.18 4.65
C ILE B 21 17.23 22.67 3.32
N PRO B 22 16.80 21.39 3.27
CA PRO B 22 16.05 20.94 2.09
C PRO B 22 14.81 21.81 1.84
N SER B 23 14.69 22.33 0.63
CA SER B 23 13.59 23.21 0.18
C SER B 23 12.20 22.61 0.42
N VAL B 24 12.16 21.30 0.65
CA VAL B 24 10.93 20.56 0.91
C VAL B 24 10.48 20.71 2.37
N TRP B 25 11.35 21.29 3.20
CA TRP B 25 10.99 21.57 4.59
C TRP B 25 10.48 22.99 4.74
N ARG B 26 10.56 23.77 3.66
CA ARG B 26 9.91 25.06 3.61
C ARG B 26 8.38 24.88 3.59
N CYS B 27 7.69 25.53 4.53
CA CYS B 27 6.22 25.52 4.62
C CYS B 27 5.59 24.19 5.05
N ASP B 28 6.08 23.64 6.16
CA ASP B 28 5.61 22.34 6.61
C ASP B 28 5.25 22.30 8.09
N GLU B 29 5.04 23.48 8.68
CA GLU B 29 4.60 23.60 10.08
C GLU B 29 5.63 23.04 11.08
N ASP B 30 6.89 22.94 10.63
CA ASP B 30 8.03 22.70 11.50
C ASP B 30 8.99 23.84 11.26
N ASP B 31 9.61 24.32 12.34
CA ASP B 31 10.66 25.33 12.29
C ASP B 31 12.02 24.64 12.08
N ASP B 32 12.50 24.62 10.84
CA ASP B 32 13.70 23.85 10.50
C ASP B 32 14.97 24.71 10.45
N CYS B 33 14.78 26.01 10.24
CA CYS B 33 15.86 26.99 10.26
C CYS B 33 16.32 27.29 11.69
N LEU B 34 15.37 27.26 12.61
CA LEU B 34 15.53 27.63 14.02
C LEU B 34 15.30 29.12 14.23
N ASP B 35 15.02 29.82 13.14
CA ASP B 35 14.49 31.18 13.21
C ASP B 35 13.19 31.26 12.42
N HIS B 36 12.58 30.09 12.20
CA HIS B 36 11.31 29.95 11.44
C HIS B 36 11.19 30.82 10.17
N SER B 37 12.32 31.10 9.53
CA SER B 37 12.33 31.78 8.23
C SER B 37 11.99 30.80 7.10
N ASP B 38 11.97 29.50 7.41
CA ASP B 38 11.47 28.49 6.47
C ASP B 38 9.93 28.41 6.46
N GLU B 39 9.30 29.18 7.35
CA GLU B 39 7.84 29.15 7.55
C GLU B 39 7.14 30.51 7.39
N ASP B 40 7.91 31.59 7.38
CA ASP B 40 7.36 32.96 7.38
C ASP B 40 6.40 33.29 6.22
N ASP B 41 6.79 32.89 5.01
CA ASP B 41 6.00 33.18 3.82
C ASP B 41 5.41 31.90 3.27
N CYS B 42 4.15 31.63 3.63
CA CYS B 42 3.47 30.43 3.14
C CYS B 42 2.00 30.69 2.77
#